data_9F8O
#
_entry.id   9F8O
#
_cell.length_a   68.830
_cell.length_b   69.629
_cell.length_c   83.141
_cell.angle_alpha   90.00
_cell.angle_beta   90.12
_cell.angle_gamma   90.00
#
_symmetry.space_group_name_H-M   'P 1 21 1'
#
loop_
_entity.id
_entity.type
_entity.pdbx_description
1 polymer 'Phenazine biosynthesis protein A/B'
2 non-polymer 'ACETATE ION'
3 non-polymer GLYCEROL
4 non-polymer [2-(4-hydroxyphenyl)-6-oxidanyl-1-benzothiophen-3-yl]-[2-(2-morpholin-4-ylethylamino)phenyl]methanone
5 water water
#
_entity_poly.entity_id   1
_entity_poly.type   'polypeptide(L)'
_entity_poly.pdbx_seq_one_letter_code
;MGSSHHHHHHSSGLVPRGSHMSDVESLENTSENRAQVAARQHNRKIVEQYMHTRGEARLKRHLLFTEDGVGGLWTTDSGQ
PIAIRGREKLGEHAVWSLQCFPDWVWTDIQIFETQDPNWFWVECRGEGAIVFPGYPRGQYRNHFLHSFRFENGLIKEQRE
FMNPCEQFRSLGIEVPEVRRDGLPS
;
_entity_poly.pdbx_strand_id   A,B,C,D
#
loop_
_chem_comp.id
_chem_comp.type
_chem_comp.name
_chem_comp.formula
A1IAF non-polymer [2-(4-hydroxyphenyl)-6-oxidanyl-1-benzothiophen-3-yl]-[2-(2-morpholin-4-ylethylamino)phenyl]methanone 'C27 H26 N2 O4 S'
ACT non-polymer 'ACETATE ION' 'C2 H3 O2 -1'
GOL non-polymer GLYCEROL 'C3 H8 O3'
#
# COMPACT_ATOMS: atom_id res chain seq x y z
N GLU A 32 -14.81 10.74 45.51
CA GLU A 32 -13.91 10.57 44.39
C GLU A 32 -13.69 9.08 44.08
N ASN A 33 -13.64 8.27 45.14
CA ASN A 33 -13.50 6.83 44.94
C ASN A 33 -14.70 6.27 44.18
N ARG A 34 -15.91 6.71 44.53
CA ARG A 34 -17.09 6.29 43.78
C ARG A 34 -16.93 6.59 42.29
N ALA A 35 -16.42 7.78 41.96
CA ALA A 35 -16.25 8.14 40.56
C ALA A 35 -15.16 7.32 39.91
N GLN A 36 -14.09 7.02 40.65
CA GLN A 36 -13.01 6.22 40.07
C GLN A 36 -13.43 4.77 39.88
N VAL A 37 -14.13 4.20 40.87
CA VAL A 37 -14.57 2.81 40.74
C VAL A 37 -15.53 2.66 39.57
N ALA A 38 -16.49 3.59 39.44
CA ALA A 38 -17.44 3.50 38.34
C ALA A 38 -16.72 3.55 37.00
N ALA A 39 -15.75 4.45 36.86
CA ALA A 39 -15.04 4.56 35.59
C ALA A 39 -14.33 3.26 35.25
N ARG A 40 -13.68 2.62 36.24
CA ARG A 40 -12.89 1.43 35.96
C ARG A 40 -13.78 0.29 35.44
N GLN A 41 -14.94 0.10 36.06
CA GLN A 41 -15.81 -1.00 35.65
C GLN A 41 -16.33 -0.79 34.22
N HIS A 42 -16.73 0.44 33.91
CA HIS A 42 -17.18 0.72 32.55
C HIS A 42 -16.03 0.54 31.56
N ASN A 43 -14.88 1.14 31.86
CA ASN A 43 -13.75 1.07 30.92
C ASN A 43 -13.34 -0.37 30.66
N ARG A 44 -13.33 -1.21 31.70
CA ARG A 44 -12.98 -2.60 31.50
C ARG A 44 -13.89 -3.26 30.46
N LYS A 45 -15.19 -2.94 30.49
CA LYS A 45 -16.12 -3.50 29.51
C LYS A 45 -15.73 -3.08 28.10
N ILE A 46 -15.29 -1.83 27.95
CA ILE A 46 -14.89 -1.37 26.61
C ILE A 46 -13.64 -2.10 26.15
N VAL A 47 -12.66 -2.30 27.04
CA VAL A 47 -11.46 -3.05 26.67
C VAL A 47 -11.86 -4.47 26.24
N GLU A 48 -12.72 -5.12 27.02
CA GLU A 48 -13.20 -6.45 26.65
C GLU A 48 -13.84 -6.44 25.26
N GLN A 49 -14.71 -5.46 25.01
CA GLN A 49 -15.37 -5.38 23.71
C GLN A 49 -14.35 -5.17 22.60
N TYR A 50 -13.42 -4.24 22.81
CA TYR A 50 -12.41 -3.97 21.79
C TYR A 50 -11.66 -5.24 21.42
N MET A 51 -11.22 -5.99 22.43
CA MET A 51 -10.36 -7.13 22.18
C MET A 51 -11.09 -8.30 21.54
N HIS A 52 -12.43 -8.32 21.61
CA HIS A 52 -13.21 -9.40 21.04
C HIS A 52 -14.02 -8.97 19.81
N THR A 53 -13.70 -7.82 19.24
CA THR A 53 -14.37 -7.36 18.02
C THR A 53 -13.69 -8.02 16.81
N ARG A 54 -14.46 -8.77 16.04
CA ARG A 54 -13.95 -9.52 14.90
C ARG A 54 -14.87 -9.32 13.71
N GLY A 55 -14.32 -9.60 12.52
CA GLY A 55 -15.13 -9.55 11.33
C GLY A 55 -15.62 -8.15 11.02
N GLU A 56 -16.82 -8.09 10.44
CA GLU A 56 -17.35 -6.81 9.98
C GLU A 56 -17.57 -5.82 11.13
N ALA A 57 -17.71 -6.31 12.36
CA ALA A 57 -17.86 -5.41 13.50
C ALA A 57 -16.63 -4.53 13.68
N ARG A 58 -15.48 -4.94 13.15
CA ARG A 58 -14.29 -4.09 13.23
C ARG A 58 -14.52 -2.76 12.53
N LEU A 59 -15.41 -2.72 11.53
CA LEU A 59 -15.63 -1.48 10.82
C LEU A 59 -16.34 -0.43 11.62
N LYS A 60 -16.91 -0.77 12.79
CA LYS A 60 -17.56 0.19 13.66
C LYS A 60 -16.83 0.38 14.98
N ARG A 61 -15.66 -0.25 15.15
CA ARG A 61 -14.96 -0.17 16.43
C ARG A 61 -14.38 1.21 16.69
N HIS A 62 -14.22 2.04 15.67
CA HIS A 62 -13.74 3.39 15.90
C HIS A 62 -14.70 4.16 16.79
N LEU A 63 -15.95 3.71 16.91
CA LEU A 63 -16.92 4.37 17.78
C LEU A 63 -16.63 4.10 19.25
N LEU A 64 -15.66 3.24 19.57
CA LEU A 64 -15.21 3.06 20.95
C LEU A 64 -14.18 4.11 21.35
N PHE A 65 -13.78 4.98 20.43
CA PHE A 65 -12.81 6.03 20.68
C PHE A 65 -13.49 7.38 20.83
N THR A 66 -12.80 8.28 21.52
CA THR A 66 -13.19 9.68 21.50
C THR A 66 -13.01 10.21 20.08
N GLU A 67 -13.66 11.36 19.79
CA GLU A 67 -13.56 11.91 18.45
C GLU A 67 -12.12 12.18 18.05
N ASP A 68 -11.29 12.61 19.01
CA ASP A 68 -9.87 12.86 18.79
C ASP A 68 -9.01 11.69 19.25
N GLY A 69 -9.59 10.50 19.33
CA GLY A 69 -8.84 9.36 19.81
C GLY A 69 -7.72 8.95 18.88
N VAL A 70 -6.72 8.27 19.45
CA VAL A 70 -5.55 7.84 18.70
C VAL A 70 -5.38 6.34 18.92
N GLY A 71 -5.04 5.64 17.85
CA GLY A 71 -4.64 4.25 17.96
C GLY A 71 -3.43 4.02 17.06
N GLY A 72 -2.82 2.86 17.21
CA GLY A 72 -1.78 2.51 16.26
C GLY A 72 -0.71 1.62 16.90
N LEU A 73 0.41 1.55 16.18
CA LEU A 73 1.48 0.60 16.43
C LEU A 73 2.69 1.36 16.95
N TRP A 74 3.14 1.03 18.14
CA TRP A 74 4.23 1.77 18.78
C TRP A 74 5.59 1.11 18.54
N THR A 75 5.62 -0.09 17.97
CA THR A 75 6.86 -0.84 17.77
C THR A 75 6.98 -1.16 16.29
N THR A 76 7.84 -0.40 15.59
CA THR A 76 7.97 -0.50 14.13
C THR A 76 9.44 -0.55 13.77
N ASP A 77 9.72 -0.83 12.47
CA ASP A 77 11.11 -0.92 12.05
C ASP A 77 11.82 0.42 12.12
N SER A 78 11.09 1.53 12.06
CA SER A 78 11.74 2.84 12.10
C SER A 78 12.12 3.28 13.50
N GLY A 79 11.55 2.65 14.52
CA GLY A 79 11.73 3.10 15.88
C GLY A 79 10.76 4.18 16.31
N GLN A 80 9.91 4.66 15.41
CA GLN A 80 8.88 5.64 15.73
C GLN A 80 7.50 5.00 15.64
N PRO A 81 6.57 5.40 16.51
CA PRO A 81 5.20 4.90 16.37
C PRO A 81 4.56 5.34 15.06
N ILE A 82 3.64 4.52 14.58
CA ILE A 82 2.77 4.89 13.48
C ILE A 82 1.39 5.05 14.10
N ALA A 83 0.98 6.30 14.30
CA ALA A 83 -0.26 6.62 15.01
C ALA A 83 -1.36 6.97 14.01
N ILE A 84 -2.56 6.52 14.32
CA ILE A 84 -3.77 6.81 13.55
C ILE A 84 -4.57 7.80 14.39
N ARG A 85 -4.73 9.04 13.89
CA ARG A 85 -5.19 10.15 14.70
C ARG A 85 -6.60 10.55 14.29
N GLY A 86 -7.54 10.35 15.22
CA GLY A 86 -8.89 10.81 15.00
C GLY A 86 -9.83 9.67 14.69
N ARG A 87 -11.06 9.77 15.16
N ARG A 87 -11.07 9.76 15.16
CA ARG A 87 -12.02 8.70 14.97
CA ARG A 87 -12.01 8.68 14.96
C ARG A 87 -12.24 8.42 13.49
C ARG A 87 -12.26 8.42 13.48
N GLU A 88 -12.22 9.46 12.65
CA GLU A 88 -12.44 9.27 11.23
C GLU A 88 -11.32 8.46 10.59
N LYS A 89 -10.07 8.84 10.84
CA LYS A 89 -8.96 8.07 10.33
C LYS A 89 -8.92 6.66 10.92
N LEU A 90 -9.37 6.51 12.17
CA LEU A 90 -9.44 5.17 12.75
C LEU A 90 -10.44 4.30 12.01
N GLY A 91 -11.55 4.87 11.55
CA GLY A 91 -12.50 4.09 10.79
C GLY A 91 -11.96 3.70 9.42
N GLU A 92 -11.21 4.61 8.79
CA GLU A 92 -10.55 4.28 7.52
C GLU A 92 -9.51 3.19 7.73
N HIS A 93 -8.74 3.29 8.82
CA HIS A 93 -7.73 2.28 9.10
C HIS A 93 -8.35 0.91 9.31
N ALA A 94 -9.55 0.87 9.91
CA ALA A 94 -10.23 -0.40 10.12
C ALA A 94 -10.55 -1.08 8.81
N VAL A 95 -10.89 -0.31 7.77
CA VAL A 95 -11.13 -0.90 6.47
C VAL A 95 -9.85 -1.53 5.94
N TRP A 96 -8.75 -0.80 6.04
CA TRP A 96 -7.46 -1.34 5.60
C TRP A 96 -7.09 -2.58 6.40
N SER A 97 -7.25 -2.51 7.71
CA SER A 97 -6.86 -3.61 8.60
C SER A 97 -7.68 -4.87 8.29
N LEU A 98 -8.97 -4.69 7.97
CA LEU A 98 -9.82 -5.84 7.66
C LEU A 98 -9.41 -6.49 6.34
N GLN A 99 -8.82 -5.73 5.42
CA GLN A 99 -8.30 -6.32 4.19
C GLN A 99 -6.95 -7.03 4.43
N CYS A 100 -6.07 -6.42 5.21
N CYS A 100 -6.08 -6.40 5.20
CA CYS A 100 -4.73 -6.97 5.34
CA CYS A 100 -4.73 -6.93 5.38
C CYS A 100 -4.60 -7.98 6.49
C CYS A 100 -4.67 -8.03 6.41
N PHE A 101 -5.54 -7.98 7.42
CA PHE A 101 -5.59 -8.96 8.50
C PHE A 101 -7.02 -9.48 8.57
N PRO A 102 -7.43 -10.26 7.56
CA PRO A 102 -8.88 -10.49 7.37
C PRO A 102 -9.50 -11.43 8.39
N ASP A 103 -8.73 -12.32 9.00
CA ASP A 103 -9.28 -13.33 9.91
C ASP A 103 -8.64 -13.23 11.29
N TRP A 104 -8.12 -12.06 11.64
CA TRP A 104 -7.34 -11.91 12.85
C TRP A 104 -8.14 -12.23 14.11
N VAL A 105 -7.45 -12.86 15.07
CA VAL A 105 -8.01 -13.05 16.40
C VAL A 105 -6.95 -12.73 17.43
N TRP A 106 -7.37 -12.08 18.51
CA TRP A 106 -6.56 -12.01 19.72
C TRP A 106 -6.90 -13.20 20.60
N THR A 107 -5.87 -13.78 21.23
CA THR A 107 -6.02 -14.96 22.06
C THR A 107 -5.26 -14.77 23.37
N ASP A 108 -5.55 -15.64 24.35
CA ASP A 108 -4.82 -15.62 25.63
C ASP A 108 -4.87 -14.24 26.27
N ILE A 109 -6.05 -13.62 26.25
CA ILE A 109 -6.19 -12.23 26.65
C ILE A 109 -6.19 -12.14 28.16
N GLN A 110 -5.31 -11.29 28.70
CA GLN A 110 -5.27 -10.97 30.11
C GLN A 110 -5.38 -9.46 30.24
N ILE A 111 -6.46 -8.98 30.86
CA ILE A 111 -6.70 -7.56 31.03
C ILE A 111 -6.24 -7.15 32.43
N PHE A 112 -5.39 -6.12 32.48
CA PHE A 112 -4.92 -5.59 33.74
C PHE A 112 -5.50 -4.20 33.99
N GLU A 113 -6.31 -4.09 35.03
CA GLU A 113 -6.65 -2.77 35.54
C GLU A 113 -5.42 -2.18 36.21
N THR A 114 -5.42 -0.88 36.44
CA THR A 114 -4.34 -0.24 37.18
C THR A 114 -4.90 0.70 38.23
N GLN A 115 -4.00 1.35 38.98
CA GLN A 115 -4.43 2.33 39.97
C GLN A 115 -5.09 3.54 39.30
N ASP A 116 -4.86 3.73 38.00
CA ASP A 116 -5.57 4.74 37.22
C ASP A 116 -6.81 4.08 36.65
N PRO A 117 -8.01 4.52 37.03
CA PRO A 117 -9.21 3.87 36.50
C PRO A 117 -9.38 4.07 35.01
N ASN A 118 -8.63 5.00 34.41
CA ASN A 118 -8.68 5.25 32.98
C ASN A 118 -7.48 4.70 32.23
N TRP A 119 -6.73 3.78 32.82
CA TRP A 119 -5.55 3.21 32.15
C TRP A 119 -5.55 1.71 32.38
N PHE A 120 -5.59 0.95 31.29
CA PHE A 120 -5.53 -0.50 31.31
C PHE A 120 -4.39 -1.01 30.43
N TRP A 121 -3.86 -2.18 30.78
CA TRP A 121 -2.90 -2.89 29.94
C TRP A 121 -3.49 -4.26 29.62
N VAL A 122 -3.14 -4.78 28.44
CA VAL A 122 -3.61 -6.09 28.01
C VAL A 122 -2.41 -6.86 27.50
N GLU A 123 -2.20 -8.06 28.03
CA GLU A 123 -1.24 -9.00 27.48
C GLU A 123 -2.03 -10.05 26.71
N CYS A 124 -1.58 -10.36 25.50
CA CYS A 124 -2.27 -11.37 24.70
C CYS A 124 -1.34 -11.87 23.62
N ARG A 125 -1.82 -12.86 22.88
CA ARG A 125 -1.25 -13.25 21.60
C ARG A 125 -2.23 -12.91 20.50
N GLY A 126 -1.77 -13.03 19.27
CA GLY A 126 -2.63 -12.80 18.13
C GLY A 126 -2.12 -13.56 16.93
N GLU A 127 -3.05 -13.92 16.05
CA GLU A 127 -2.67 -14.69 14.87
C GLU A 127 -3.69 -14.51 13.77
N GLY A 128 -3.22 -14.70 12.54
CA GLY A 128 -4.09 -14.60 11.38
C GLY A 128 -3.28 -14.40 10.13
N ALA A 129 -3.97 -14.47 9.01
CA ALA A 129 -3.33 -14.18 7.73
C ALA A 129 -2.84 -12.72 7.71
N ILE A 130 -1.76 -12.49 7.01
CA ILE A 130 -1.26 -11.14 6.74
C ILE A 130 -1.18 -10.98 5.22
N VAL A 131 -1.87 -9.96 4.72
CA VAL A 131 -2.00 -9.70 3.28
C VAL A 131 -1.51 -8.29 3.03
N PHE A 132 -0.21 -8.10 3.08
N PHE A 132 -0.19 -8.10 3.10
CA PHE A 132 0.38 -6.78 2.92
CA PHE A 132 0.42 -6.79 2.91
C PHE A 132 0.67 -6.51 1.44
C PHE A 132 0.62 -6.52 1.43
N PRO A 133 0.44 -5.28 0.99
CA PRO A 133 0.68 -4.96 -0.44
C PRO A 133 2.12 -5.25 -0.84
N GLY A 134 2.28 -6.05 -1.89
CA GLY A 134 3.58 -6.33 -2.43
C GLY A 134 4.36 -7.43 -1.75
N TYR A 135 3.76 -8.10 -0.77
CA TYR A 135 4.39 -9.21 -0.07
C TYR A 135 3.57 -10.48 -0.28
N PRO A 136 4.20 -11.66 -0.22
CA PRO A 136 3.41 -12.89 -0.33
C PRO A 136 2.43 -13.00 0.82
N ARG A 137 1.26 -13.56 0.53
CA ARG A 137 0.33 -13.88 1.61
C ARG A 137 1.03 -14.77 2.62
N GLY A 138 0.88 -14.43 3.91
CA GLY A 138 1.57 -15.16 4.96
C GLY A 138 0.67 -15.38 6.15
N GLN A 139 1.24 -16.06 7.15
N GLN A 139 1.24 -16.03 7.16
CA GLN A 139 0.58 -16.29 8.43
CA GLN A 139 0.57 -16.28 8.43
C GLN A 139 1.40 -15.57 9.50
C GLN A 139 1.38 -15.60 9.52
N TYR A 140 0.75 -14.70 10.25
CA TYR A 140 1.40 -13.85 11.24
C TYR A 140 0.94 -14.27 12.63
N ARG A 141 1.90 -14.53 13.51
CA ARG A 141 1.64 -14.83 14.92
C ARG A 141 2.58 -13.98 15.75
N ASN A 142 2.08 -13.45 16.86
CA ASN A 142 2.95 -12.65 17.70
C ASN A 142 2.40 -12.59 19.11
N HIS A 143 3.26 -12.13 20.02
CA HIS A 143 2.88 -11.75 21.38
C HIS A 143 2.69 -10.24 21.39
N PHE A 144 1.71 -9.78 22.15
CA PHE A 144 1.34 -8.37 22.14
C PHE A 144 1.10 -7.84 23.55
N LEU A 145 1.42 -6.56 23.73
CA LEU A 145 0.94 -5.77 24.84
C LEU A 145 0.17 -4.60 24.26
N HIS A 146 -1.00 -4.29 24.86
CA HIS A 146 -1.80 -3.14 24.42
C HIS A 146 -1.97 -2.21 25.62
N SER A 147 -1.86 -0.91 25.38
CA SER A 147 -2.19 0.12 26.37
C SER A 147 -3.49 0.80 25.94
N PHE A 148 -4.43 0.93 26.88
CA PHE A 148 -5.69 1.63 26.65
C PHE A 148 -5.86 2.73 27.69
N ARG A 149 -5.91 3.99 27.24
CA ARG A 149 -6.21 5.13 28.08
C ARG A 149 -7.56 5.70 27.69
N PHE A 150 -8.38 6.02 28.69
CA PHE A 150 -9.76 6.41 28.52
C PHE A 150 -10.00 7.87 28.89
N GLU A 151 -11.08 8.42 28.30
CA GLU A 151 -11.56 9.76 28.63
C GLU A 151 -13.07 9.76 28.45
N ASN A 152 -13.80 10.05 29.53
CA ASN A 152 -15.25 10.13 29.52
C ASN A 152 -15.88 8.93 28.84
N GLY A 153 -15.44 7.74 29.25
CA GLY A 153 -16.10 6.51 28.87
C GLY A 153 -15.64 5.88 27.57
N LEU A 154 -14.73 6.50 26.85
CA LEU A 154 -14.28 6.00 25.55
C LEU A 154 -12.75 6.02 25.50
N ILE A 155 -12.22 5.33 24.49
CA ILE A 155 -10.76 5.17 24.36
C ILE A 155 -10.18 6.46 23.80
N LYS A 156 -9.26 7.08 24.56
CA LYS A 156 -8.53 8.25 24.09
C LYS A 156 -7.23 7.85 23.40
N GLU A 157 -6.60 6.75 23.83
CA GLU A 157 -5.36 6.30 23.21
C GLU A 157 -5.22 4.80 23.36
N GLN A 158 -5.09 4.11 22.23
CA GLN A 158 -4.75 2.70 22.17
C GLN A 158 -3.38 2.58 21.52
N ARG A 159 -2.53 1.74 22.10
CA ARG A 159 -1.20 1.52 21.57
C ARG A 159 -0.87 0.04 21.57
N GLU A 160 -0.43 -0.45 20.42
CA GLU A 160 -0.02 -1.84 20.27
C GLU A 160 1.51 -1.94 20.34
N PHE A 161 2.00 -2.89 21.12
CA PHE A 161 3.42 -3.15 21.31
C PHE A 161 3.69 -4.62 21.00
N MET A 162 4.66 -4.87 20.12
CA MET A 162 5.01 -6.25 19.80
C MET A 162 6.47 -6.28 19.39
N ASN A 163 6.93 -7.48 19.05
CA ASN A 163 8.26 -7.68 18.46
C ASN A 163 8.18 -7.63 16.94
N PRO A 164 8.64 -6.56 16.29
CA PRO A 164 8.46 -6.48 14.83
C PRO A 164 9.17 -7.60 14.08
N CYS A 165 10.15 -8.27 14.70
CA CYS A 165 10.83 -9.36 14.01
C CYS A 165 9.84 -10.42 13.56
N GLU A 166 8.78 -10.66 14.33
CA GLU A 166 7.81 -11.68 13.94
C GLU A 166 6.93 -11.21 12.79
N GLN A 167 6.70 -9.91 12.67
CA GLN A 167 5.97 -9.42 11.49
C GLN A 167 6.88 -9.47 10.26
N PHE A 168 8.17 -9.17 10.44
CA PHE A 168 9.12 -9.39 9.36
C PHE A 168 9.02 -10.83 8.85
N ARG A 169 9.12 -11.79 9.77
CA ARG A 169 9.08 -13.21 9.37
C ARG A 169 7.82 -13.53 8.59
N SER A 170 6.67 -13.02 9.04
CA SER A 170 5.40 -13.33 8.37
C SER A 170 5.38 -12.79 6.94
N LEU A 171 6.16 -11.75 6.67
CA LEU A 171 6.24 -11.13 5.35
C LEU A 171 7.37 -11.69 4.51
N GLY A 172 8.12 -12.67 5.02
CA GLY A 172 9.26 -13.20 4.30
C GLY A 172 10.48 -12.31 4.31
N ILE A 173 10.52 -11.32 5.20
CA ILE A 173 11.66 -10.41 5.33
C ILE A 173 12.70 -11.05 6.23
N GLU A 174 13.96 -11.07 5.78
N GLU A 174 13.96 -11.04 5.80
CA GLU A 174 15.04 -11.62 6.57
CA GLU A 174 15.03 -11.65 6.57
C GLU A 174 15.19 -10.84 7.87
C GLU A 174 15.28 -10.85 7.86
N VAL A 175 15.32 -11.57 8.98
CA VAL A 175 15.51 -10.96 10.29
C VAL A 175 17.00 -11.00 10.62
N PRO A 176 17.63 -9.85 10.93
CA PRO A 176 19.05 -9.90 11.30
C PRO A 176 19.18 -10.63 12.64
N GLU A 177 20.36 -11.19 12.84
CA GLU A 177 20.67 -12.01 14.00
C GLU A 177 21.86 -11.40 14.72
N VAL A 178 21.67 -11.05 15.99
CA VAL A 178 22.78 -10.63 16.83
C VAL A 178 23.70 -11.81 17.02
N ARG A 179 24.98 -11.61 16.74
CA ARG A 179 25.97 -12.66 16.95
C ARG A 179 26.11 -12.94 18.44
N ARG A 180 25.96 -14.20 18.83
CA ARG A 180 25.97 -14.60 20.23
C ARG A 180 27.20 -15.38 20.65
N ASP A 181 28.18 -15.54 19.77
N ASP A 181 28.18 -15.51 19.76
CA ASP A 181 29.31 -16.42 20.10
CA ASP A 181 29.33 -16.37 20.05
C ASP A 181 30.03 -15.92 21.35
C ASP A 181 30.04 -15.92 21.31
N GLY A 182 30.13 -14.61 21.53
CA GLY A 182 30.85 -14.08 22.67
C GLY A 182 30.00 -13.87 23.91
N LEU A 183 28.73 -14.22 23.84
CA LEU A 183 27.79 -14.02 24.94
C LEU A 183 27.67 -15.31 25.75
N PRO A 184 27.49 -15.21 27.08
CA PRO A 184 27.35 -16.42 27.89
C PRO A 184 26.13 -17.23 27.48
N SER A 185 26.31 -18.55 27.43
CA SER A 185 25.23 -19.46 27.12
C SER A 185 25.21 -20.60 28.15
N GLU B 32 -8.52 -10.87 54.21
CA GLU B 32 -7.90 -11.17 52.93
C GLU B 32 -7.46 -9.88 52.24
N ASN B 33 -8.33 -8.88 52.26
CA ASN B 33 -7.98 -7.60 51.65
C ASN B 33 -6.76 -6.98 52.33
N ARG B 34 -6.68 -7.06 53.66
CA ARG B 34 -5.52 -6.54 54.37
C ARG B 34 -4.23 -7.20 53.88
N ALA B 35 -4.25 -8.51 53.67
CA ALA B 35 -3.08 -9.20 53.16
C ALA B 35 -2.77 -8.75 51.73
N GLN B 36 -3.79 -8.56 50.92
CA GLN B 36 -3.54 -8.15 49.53
C GLN B 36 -3.01 -6.73 49.47
N VAL B 37 -3.59 -5.82 50.26
CA VAL B 37 -3.07 -4.45 50.31
C VAL B 37 -1.61 -4.44 50.75
N ALA B 38 -1.30 -5.21 51.80
CA ALA B 38 0.07 -5.23 52.30
C ALA B 38 1.03 -5.77 51.25
N ALA B 39 0.63 -6.84 50.55
CA ALA B 39 1.46 -7.40 49.50
C ALA B 39 1.71 -6.38 48.40
N ARG B 40 0.66 -5.67 47.97
CA ARG B 40 0.82 -4.74 46.87
C ARG B 40 1.76 -3.59 47.26
N GLN B 41 1.63 -3.07 48.48
N GLN B 41 1.61 -3.04 48.47
CA GLN B 41 2.48 -1.96 48.89
CA GLN B 41 2.48 -1.96 48.90
C GLN B 41 3.94 -2.39 49.02
C GLN B 41 3.94 -2.43 48.95
N HIS B 42 4.19 -3.60 49.54
CA HIS B 42 5.55 -4.11 49.61
C HIS B 42 6.11 -4.36 48.20
N ASN B 43 5.33 -5.05 47.37
CA ASN B 43 5.84 -5.40 46.04
C ASN B 43 6.15 -4.14 45.24
N ARG B 44 5.34 -3.10 45.38
CA ARG B 44 5.62 -1.85 44.66
C ARG B 44 6.99 -1.30 45.06
N LYS B 45 7.32 -1.37 46.35
CA LYS B 45 8.63 -0.91 46.80
C LYS B 45 9.75 -1.71 46.14
N ILE B 46 9.54 -3.01 45.94
CA ILE B 46 10.56 -3.83 45.29
C ILE B 46 10.70 -3.43 43.83
N VAL B 47 9.59 -3.18 43.15
CA VAL B 47 9.66 -2.72 41.75
C VAL B 47 10.43 -1.40 41.67
N GLU B 48 10.10 -0.46 42.54
N GLU B 48 10.08 -0.45 42.53
CA GLU B 48 10.82 0.82 42.58
CA GLU B 48 10.82 0.81 42.60
C GLU B 48 12.31 0.60 42.82
C GLU B 48 12.31 0.56 42.80
N GLN B 49 12.66 -0.29 43.76
CA GLN B 49 14.07 -0.56 44.03
C GLN B 49 14.74 -1.18 42.82
N TYR B 50 14.10 -2.18 42.20
CA TYR B 50 14.66 -2.83 41.03
C TYR B 50 14.97 -1.80 39.95
N MET B 51 14.00 -0.94 39.64
CA MET B 51 14.13 -0.03 38.50
C MET B 51 15.15 1.06 38.75
N HIS B 52 15.55 1.31 40.00
CA HIS B 52 16.53 2.34 40.31
C HIS B 52 17.86 1.76 40.76
N THR B 53 18.07 0.46 40.59
CA THR B 53 19.34 -0.16 40.97
C THR B 53 20.37 0.07 39.87
N ARG B 54 21.49 0.67 40.22
CA ARG B 54 22.52 0.99 39.25
C ARG B 54 23.89 0.67 39.80
N GLY B 55 24.88 0.68 38.91
CA GLY B 55 26.26 0.45 39.30
C GLY B 55 26.44 -0.90 39.96
N GLU B 56 27.36 -0.93 40.92
CA GLU B 56 27.73 -2.18 41.57
C GLU B 56 26.56 -2.83 42.30
N ALA B 57 25.56 -2.03 42.70
CA ALA B 57 24.38 -2.60 43.36
C ALA B 57 23.65 -3.59 42.45
N ARG B 58 23.83 -3.50 41.14
CA ARG B 58 23.22 -4.48 40.25
C ARG B 58 23.72 -5.89 40.56
N LEU B 59 24.93 -6.02 41.12
CA LEU B 59 25.47 -7.34 41.40
C LEU B 59 24.75 -8.05 42.52
N LYS B 60 23.92 -7.35 43.30
CA LYS B 60 23.14 -7.95 44.38
C LYS B 60 21.65 -7.95 44.10
N ARG B 61 21.23 -7.46 42.94
CA ARG B 61 19.79 -7.33 42.66
C ARG B 61 19.10 -8.67 42.51
N HIS B 62 19.85 -9.73 42.24
CA HIS B 62 19.24 -11.06 42.15
C HIS B 62 18.63 -11.47 43.48
N LEU B 63 19.04 -10.83 44.57
CA LEU B 63 18.42 -11.12 45.87
C LEU B 63 17.01 -10.58 45.98
N LEU B 64 16.54 -9.81 44.98
CA LEU B 64 15.14 -9.43 44.94
C LEU B 64 14.26 -10.51 44.36
N PHE B 65 14.84 -11.61 43.90
CA PHE B 65 14.13 -12.74 43.32
C PHE B 65 13.99 -13.89 44.30
N THR B 66 12.98 -14.72 44.06
CA THR B 66 12.90 -16.02 44.71
C THR B 66 14.07 -16.87 44.24
N GLU B 67 14.33 -17.95 44.99
N GLU B 67 14.36 -17.94 44.99
CA GLU B 67 15.44 -18.84 44.66
CA GLU B 67 15.48 -18.80 44.61
C GLU B 67 15.30 -19.41 43.25
C GLU B 67 15.30 -19.33 43.19
N ASP B 68 14.06 -19.66 42.81
CA ASP B 68 13.77 -20.17 41.47
C ASP B 68 13.23 -19.07 40.55
N GLY B 69 13.47 -17.82 40.88
CA GLY B 69 12.98 -16.73 40.07
C GLY B 69 13.59 -16.70 38.69
N VAL B 70 12.86 -16.06 37.76
CA VAL B 70 13.25 -16.00 36.36
C VAL B 70 13.28 -14.54 35.93
N GLY B 71 14.27 -14.17 35.14
CA GLY B 71 14.30 -12.86 34.53
C GLY B 71 14.76 -13.02 33.09
N GLY B 72 14.61 -11.94 32.34
CA GLY B 72 15.25 -11.93 31.02
C GLY B 72 14.44 -11.14 30.01
N LEU B 73 14.77 -11.40 28.74
CA LEU B 73 14.31 -10.62 27.61
C LEU B 73 13.33 -11.43 26.75
N TRP B 74 12.09 -10.94 26.64
CA TRP B 74 11.04 -11.66 25.95
C TRP B 74 10.93 -11.30 24.48
N THR B 75 11.63 -10.25 24.04
CA THR B 75 11.57 -9.78 22.66
C THR B 75 12.96 -9.79 22.04
N THR B 76 13.20 -10.78 21.18
CA THR B 76 14.53 -11.01 20.61
C THR B 76 14.40 -11.27 19.11
N ASP B 77 15.57 -11.34 18.44
CA ASP B 77 15.54 -11.54 17.00
C ASP B 77 15.05 -12.92 16.63
N SER B 78 15.14 -13.89 17.53
CA SER B 78 14.71 -15.24 17.23
C SER B 78 13.20 -15.44 17.40
N GLY B 79 12.52 -14.52 18.07
CA GLY B 79 11.14 -14.70 18.42
C GLY B 79 10.89 -15.50 19.67
N GLN B 80 11.94 -16.06 20.29
CA GLN B 80 11.82 -16.80 21.54
C GLN B 80 12.45 -15.97 22.67
N PRO B 81 11.86 -16.00 23.86
CA PRO B 81 12.52 -15.34 24.98
C PRO B 81 13.87 -15.94 25.30
N ILE B 82 14.74 -15.13 25.88
CA ILE B 82 16.01 -15.57 26.47
C ILE B 82 15.83 -15.38 27.97
N ALA B 83 15.57 -16.48 28.67
CA ALA B 83 15.22 -16.44 30.08
C ALA B 83 16.43 -16.87 30.91
N ILE B 84 16.63 -16.18 32.03
CA ILE B 84 17.69 -16.47 32.99
C ILE B 84 16.99 -17.10 34.18
N ARG B 85 17.29 -18.38 34.44
CA ARG B 85 16.49 -19.20 35.35
C ARG B 85 17.23 -19.47 36.64
N GLY B 86 16.73 -18.89 37.72
CA GLY B 86 17.26 -19.17 39.04
C GLY B 86 18.07 -18.01 39.58
N ARG B 87 17.96 -17.80 40.89
N ARG B 87 17.96 -17.80 40.89
CA ARG B 87 18.64 -16.66 41.50
CA ARG B 87 18.64 -16.67 41.52
C ARG B 87 20.14 -16.70 41.24
C ARG B 87 20.14 -16.70 41.26
N GLU B 88 20.74 -17.90 41.27
CA GLU B 88 22.18 -18.01 41.04
C GLU B 88 22.54 -17.56 39.62
N LYS B 89 21.83 -18.06 38.62
CA LYS B 89 22.12 -17.64 37.26
C LYS B 89 21.79 -16.16 37.03
N LEU B 90 20.80 -15.63 37.75
CA LEU B 90 20.53 -14.20 37.65
C LEU B 90 21.70 -13.38 38.19
N GLY B 91 22.37 -13.89 39.23
CA GLY B 91 23.54 -13.17 39.73
C GLY B 91 24.69 -13.21 38.76
N GLU B 92 24.89 -14.36 38.09
CA GLU B 92 25.92 -14.44 37.07
C GLU B 92 25.60 -13.54 35.90
N HIS B 93 24.33 -13.49 35.51
CA HIS B 93 23.92 -12.62 34.41
C HIS B 93 24.19 -11.16 34.74
N ALA B 94 24.06 -10.80 36.02
CA ALA B 94 24.29 -9.41 36.42
C ALA B 94 25.73 -9.01 36.15
N VAL B 95 26.67 -9.94 36.37
CA VAL B 95 28.07 -9.65 36.08
C VAL B 95 28.24 -9.36 34.59
N TRP B 96 27.64 -10.19 33.74
CA TRP B 96 27.71 -9.96 32.31
C TRP B 96 27.05 -8.64 31.94
N SER B 97 25.85 -8.38 32.49
CA SER B 97 25.12 -7.18 32.13
C SER B 97 25.89 -5.92 32.54
N LEU B 98 26.59 -5.97 33.67
CA LEU B 98 27.35 -4.80 34.11
C LEU B 98 28.52 -4.53 33.18
N GLN B 99 29.01 -5.54 32.47
CA GLN B 99 30.08 -5.34 31.51
C GLN B 99 29.54 -4.81 30.18
N CYS B 100 28.44 -5.35 29.71
N CYS B 100 28.44 -5.38 29.72
CA CYS B 100 27.96 -4.99 28.38
CA CYS B 100 27.92 -5.03 28.40
C CYS B 100 26.98 -3.83 28.39
C CYS B 100 27.06 -3.77 28.42
N PHE B 101 26.40 -3.49 29.54
CA PHE B 101 25.57 -2.30 29.71
C PHE B 101 26.06 -1.55 30.94
N PRO B 102 27.26 -0.95 30.87
CA PRO B 102 27.96 -0.56 32.10
C PRO B 102 27.39 0.66 32.80
N ASP B 103 26.60 1.50 32.13
CA ASP B 103 26.12 2.73 32.73
C ASP B 103 24.62 2.89 32.54
N TRP B 104 23.91 1.77 32.42
CA TRP B 104 22.50 1.80 32.07
C TRP B 104 21.65 2.54 33.09
N VAL B 105 20.68 3.29 32.60
N VAL B 105 20.67 3.29 32.58
CA VAL B 105 19.71 3.98 33.45
CA VAL B 105 19.70 4.01 33.39
C VAL B 105 18.33 3.80 32.85
C VAL B 105 18.32 3.77 32.82
N TRP B 106 17.36 3.41 33.69
CA TRP B 106 15.95 3.44 33.31
C TRP B 106 15.40 4.82 33.61
N THR B 107 14.74 5.44 32.64
CA THR B 107 14.16 6.75 32.78
C THR B 107 12.66 6.71 32.54
N ASP B 108 12.00 7.81 32.91
CA ASP B 108 10.57 7.98 32.61
C ASP B 108 9.76 6.80 33.10
N ILE B 109 10.01 6.41 34.35
CA ILE B 109 9.44 5.19 34.91
C ILE B 109 8.01 5.44 35.34
N GLN B 110 7.09 4.60 34.85
CA GLN B 110 5.71 4.61 35.28
C GLN B 110 5.35 3.22 35.77
N ILE B 111 5.02 3.09 37.06
CA ILE B 111 4.72 1.79 37.66
C ILE B 111 3.22 1.63 37.72
N PHE B 112 2.72 0.51 37.19
CA PHE B 112 1.30 0.20 37.20
C PHE B 112 1.05 -0.97 38.13
N GLU B 113 0.35 -0.69 39.23
CA GLU B 113 -0.28 -1.75 40.00
C GLU B 113 -1.40 -2.35 39.17
N THR B 114 -1.83 -3.55 39.56
CA THR B 114 -2.96 -4.19 38.88
C THR B 114 -3.90 -4.77 39.92
N GLN B 115 -4.98 -5.39 39.45
CA GLN B 115 -5.92 -6.04 40.35
C GLN B 115 -5.28 -7.24 41.06
N ASP B 116 -4.17 -7.75 40.54
CA ASP B 116 -3.39 -8.81 41.17
C ASP B 116 -2.31 -8.13 42.01
N PRO B 117 -2.36 -8.23 43.34
CA PRO B 117 -1.34 -7.54 44.15
C PRO B 117 0.05 -8.04 43.88
N ASN B 118 0.19 -9.18 43.22
CA ASN B 118 1.50 -9.77 42.90
C ASN B 118 1.88 -9.60 41.44
N TRP B 119 1.21 -8.70 40.70
CA TRP B 119 1.55 -8.49 39.28
C TRP B 119 1.58 -7.00 39.02
N PHE B 120 2.74 -6.52 38.56
CA PHE B 120 2.97 -5.12 38.21
C PHE B 120 3.46 -5.04 36.78
N TRP B 121 3.18 -3.91 36.13
CA TRP B 121 3.73 -3.56 34.83
C TRP B 121 4.44 -2.22 34.97
N VAL B 122 5.51 -2.04 34.19
CA VAL B 122 6.28 -0.81 34.19
C VAL B 122 6.45 -0.37 32.76
N GLU B 123 6.12 0.87 32.46
CA GLU B 123 6.46 1.49 31.18
C GLU B 123 7.58 2.46 31.44
N CYS B 124 8.63 2.42 30.63
CA CYS B 124 9.76 3.31 30.85
C CYS B 124 10.57 3.41 29.57
N ARG B 125 11.60 4.24 29.64
N ARG B 125 11.62 4.22 29.64
CA ARG B 125 12.67 4.25 28.64
CA ARG B 125 12.67 4.25 28.64
C ARG B 125 13.96 3.81 29.31
C ARG B 125 13.97 3.84 29.31
N GLY B 126 14.99 3.61 28.50
CA GLY B 126 16.29 3.23 29.02
C GLY B 126 17.37 3.69 28.06
N GLU B 127 18.55 3.96 28.61
CA GLU B 127 19.65 4.44 27.80
C GLU B 127 20.99 4.06 28.44
N GLY B 128 21.98 3.88 27.60
CA GLY B 128 23.33 3.64 28.08
C GLY B 128 24.20 3.08 26.98
N ALA B 129 25.47 2.96 27.29
CA ALA B 129 26.39 2.31 26.38
C ALA B 129 25.99 0.86 26.19
N ILE B 130 26.23 0.33 24.99
CA ILE B 130 26.12 -1.10 24.72
C ILE B 130 27.47 -1.58 24.24
N VAL B 131 28.00 -2.60 24.92
CA VAL B 131 29.36 -3.10 24.67
C VAL B 131 29.27 -4.60 24.42
N PHE B 132 28.77 -4.98 23.26
N PHE B 132 28.72 -4.98 23.26
CA PHE B 132 28.58 -6.39 22.97
CA PHE B 132 28.56 -6.38 22.88
C PHE B 132 29.84 -6.95 22.31
C PHE B 132 29.86 -6.94 22.33
N PRO B 133 30.16 -8.21 22.58
CA PRO B 133 31.36 -8.81 21.99
C PRO B 133 31.35 -8.79 20.47
N GLY B 134 32.43 -8.28 19.89
CA GLY B 134 32.57 -8.28 18.45
C GLY B 134 31.77 -7.23 17.72
N TYR B 135 31.15 -6.30 18.43
CA TYR B 135 30.46 -5.17 17.84
C TYR B 135 31.14 -3.88 18.28
N PRO B 136 31.06 -2.82 17.48
CA PRO B 136 31.57 -1.53 17.95
C PRO B 136 30.80 -1.08 19.18
N ARG B 137 31.50 -0.40 20.10
CA ARG B 137 30.80 0.24 21.22
C ARG B 137 29.75 1.20 20.67
N GLY B 138 28.54 1.15 21.26
CA GLY B 138 27.44 1.95 20.77
C GLY B 138 26.70 2.61 21.90
N GLN B 139 25.71 3.42 21.53
CA GLN B 139 24.79 4.06 22.46
C GLN B 139 23.41 3.52 22.18
N TYR B 140 22.80 2.89 23.18
CA TYR B 140 21.52 2.20 23.04
C TYR B 140 20.45 3.00 23.78
N ARG B 141 19.37 3.31 23.07
CA ARG B 141 18.20 3.95 23.64
C ARG B 141 16.97 3.18 23.20
N ASN B 142 16.03 2.95 24.13
CA ASN B 142 14.81 2.26 23.70
C ASN B 142 13.68 2.58 24.66
N HIS B 143 12.47 2.22 24.23
CA HIS B 143 11.27 2.20 25.05
C HIS B 143 11.07 0.77 25.53
N PHE B 144 10.62 0.62 26.76
CA PHE B 144 10.51 -0.69 27.39
C PHE B 144 9.18 -0.84 28.13
N LEU B 145 8.69 -2.08 28.15
CA LEU B 145 7.68 -2.51 29.10
C LEU B 145 8.30 -3.66 29.91
N HIS B 146 8.07 -3.63 31.22
CA HIS B 146 8.50 -4.72 32.10
C HIS B 146 7.29 -5.32 32.80
N SER B 147 7.29 -6.63 32.93
CA SER B 147 6.35 -7.39 33.75
C SER B 147 7.07 -7.91 34.99
N PHE B 148 6.46 -7.68 36.16
CA PHE B 148 6.97 -8.21 37.42
C PHE B 148 5.88 -9.03 38.10
N ARG B 149 6.14 -10.31 38.32
CA ARG B 149 5.25 -11.17 39.07
C ARG B 149 5.95 -11.59 40.35
N PHE B 150 5.22 -11.53 41.46
CA PHE B 150 5.79 -11.73 42.79
C PHE B 150 5.26 -13.00 43.44
N GLU B 151 6.07 -13.55 44.34
CA GLU B 151 5.70 -14.66 45.19
C GLU B 151 6.34 -14.45 46.55
N ASN B 152 5.50 -14.32 47.58
CA ASN B 152 5.96 -14.17 48.96
C ASN B 152 6.99 -13.05 49.10
N GLY B 153 6.69 -11.90 48.51
CA GLY B 153 7.48 -10.72 48.76
C GLY B 153 8.71 -10.55 47.88
N LEU B 154 8.95 -11.47 46.96
CA LEU B 154 10.10 -11.38 46.06
C LEU B 154 9.65 -11.63 44.63
N ILE B 155 10.51 -11.28 43.69
CA ILE B 155 10.18 -11.40 42.26
C ILE B 155 10.28 -12.86 41.84
N LYS B 156 9.18 -13.40 41.35
CA LYS B 156 9.15 -14.74 40.78
C LYS B 156 9.44 -14.72 39.28
N GLU B 157 9.03 -13.66 38.58
CA GLU B 157 9.24 -13.56 37.14
C GLU B 157 9.33 -12.10 36.72
N GLN B 158 10.45 -11.73 36.12
CA GLN B 158 10.63 -10.43 35.48
C GLN B 158 10.81 -10.66 33.99
N ARG B 159 10.13 -9.86 33.18
CA ARG B 159 10.24 -10.00 31.72
C ARG B 159 10.39 -8.60 31.12
N GLU B 160 11.39 -8.44 30.25
CA GLU B 160 11.62 -7.20 29.52
C GLU B 160 11.08 -7.30 28.10
N PHE B 161 10.29 -6.31 27.69
CA PHE B 161 9.72 -6.22 26.34
C PHE B 161 10.16 -4.92 25.69
N MET B 162 10.74 -5.03 24.49
CA MET B 162 11.11 -3.83 23.76
C MET B 162 11.07 -4.13 22.27
N ASN B 163 11.40 -3.12 21.48
CA ASN B 163 11.51 -3.25 20.03
C ASN B 163 12.96 -3.58 19.68
N PRO B 164 13.26 -4.81 19.27
CA PRO B 164 14.68 -5.15 19.02
C PRO B 164 15.31 -4.33 17.94
N CYS B 165 14.52 -3.67 17.08
CA CYS B 165 15.13 -2.88 16.01
C CYS B 165 16.04 -1.79 16.57
N GLU B 166 15.71 -1.23 17.73
CA GLU B 166 16.57 -0.20 18.29
C GLU B 166 17.85 -0.79 18.85
N GLN B 167 17.83 -2.03 19.34
CA GLN B 167 19.08 -2.67 19.77
C GLN B 167 19.92 -3.00 18.55
N PHE B 168 19.29 -3.45 17.46
CA PHE B 168 20.03 -3.61 16.20
C PHE B 168 20.75 -2.33 15.85
N ARG B 169 20.02 -1.21 15.86
CA ARG B 169 20.62 0.07 15.49
C ARG B 169 21.81 0.42 16.36
N SER B 170 21.70 0.18 17.66
CA SER B 170 22.79 0.49 18.57
C SER B 170 24.05 -0.31 18.28
N LEU B 171 23.89 -1.49 17.66
CA LEU B 171 24.99 -2.39 17.33
C LEU B 171 25.46 -2.21 15.90
N GLY B 172 24.90 -1.26 15.16
CA GLY B 172 25.27 -1.06 13.77
C GLY B 172 24.73 -2.10 12.82
N ILE B 173 23.72 -2.86 13.25
CA ILE B 173 23.09 -3.88 12.42
C ILE B 173 21.99 -3.23 11.59
N GLU B 174 21.99 -3.53 10.30
CA GLU B 174 21.00 -2.99 9.38
C GLU B 174 19.60 -3.50 9.74
N VAL B 175 18.64 -2.60 9.80
CA VAL B 175 17.25 -2.93 10.14
C VAL B 175 16.47 -3.00 8.84
N PRO B 176 15.77 -4.09 8.54
CA PRO B 176 14.96 -4.12 7.31
C PRO B 176 13.82 -3.13 7.42
N GLU B 177 13.36 -2.69 6.25
CA GLU B 177 12.28 -1.71 6.15
C GLU B 177 11.12 -2.34 5.41
N VAL B 178 9.96 -2.40 6.07
CA VAL B 178 8.74 -2.82 5.40
C VAL B 178 8.37 -1.77 4.37
N ARG B 179 8.17 -2.20 3.13
CA ARG B 179 7.80 -1.27 2.07
C ARG B 179 6.38 -0.76 2.31
N ARG B 180 6.22 0.57 2.27
CA ARG B 180 4.96 1.20 2.63
C ARG B 180 4.23 1.79 1.42
N ASP B 181 4.71 1.54 0.21
CA ASP B 181 4.12 2.19 -0.96
C ASP B 181 2.65 1.85 -1.10
N GLY B 182 2.28 0.61 -0.81
CA GLY B 182 0.92 0.17 -0.99
C GLY B 182 0.01 0.44 0.19
N LEU B 183 0.55 1.01 1.26
CA LEU B 183 -0.23 1.23 2.48
C LEU B 183 -0.80 2.63 2.51
N PRO B 184 -1.96 2.82 3.15
CA PRO B 184 -2.51 4.17 3.29
C PRO B 184 -1.54 5.07 4.03
N SER B 185 -1.38 6.29 3.52
CA SER B 185 -0.47 7.26 4.14
C SER B 185 -1.14 8.63 4.23
N GLU C 32 -26.00 20.57 -6.70
CA GLU C 32 -25.03 20.33 -7.76
C GLU C 32 -24.79 18.84 -7.96
N ASN C 33 -24.71 18.10 -6.84
CA ASN C 33 -24.47 16.66 -6.94
C ASN C 33 -25.61 15.97 -7.68
N ARG C 34 -26.86 16.32 -7.36
CA ARG C 34 -28.00 15.74 -8.08
C ARG C 34 -27.89 16.03 -9.57
N ALA C 35 -27.48 17.25 -9.93
CA ALA C 35 -27.35 17.60 -11.34
C ALA C 35 -26.22 16.80 -12.00
N GLN C 36 -25.11 16.61 -11.30
CA GLN C 36 -24.01 15.86 -11.88
C GLN C 36 -24.37 14.38 -11.99
N VAL C 37 -25.02 13.83 -10.95
CA VAL C 37 -25.42 12.43 -11.02
C VAL C 37 -26.36 12.20 -12.18
N ALA C 38 -27.34 13.10 -12.36
CA ALA C 38 -28.29 12.94 -13.46
C ALA C 38 -27.60 13.02 -14.82
N ALA C 39 -26.66 13.96 -14.97
CA ALA C 39 -25.93 14.08 -16.23
C ALA C 39 -25.14 12.81 -16.52
N ARG C 40 -24.44 12.27 -15.50
CA ARG C 40 -23.64 11.07 -15.75
C ARG C 40 -24.54 9.91 -16.17
N GLN C 41 -25.68 9.74 -15.51
N GLN C 41 -25.68 9.73 -15.50
CA GLN C 41 -26.57 8.62 -15.82
CA GLN C 41 -26.57 8.62 -15.83
C GLN C 41 -27.16 8.75 -17.23
C GLN C 41 -27.09 8.76 -17.26
N HIS C 42 -27.51 9.97 -17.64
CA HIS C 42 -28.01 10.17 -18.99
C HIS C 42 -26.90 9.98 -20.02
N ASN C 43 -25.74 10.59 -19.76
CA ASN C 43 -24.64 10.50 -20.72
C ASN C 43 -24.22 9.05 -20.93
N ARG C 44 -24.22 8.26 -19.87
CA ARG C 44 -23.88 6.84 -20.00
C ARG C 44 -24.85 6.15 -20.96
N LYS C 45 -26.14 6.50 -20.91
CA LYS C 45 -27.09 5.89 -21.83
C LYS C 45 -26.76 6.28 -23.28
N ILE C 46 -26.31 7.51 -23.50
CA ILE C 46 -25.95 7.92 -24.85
C ILE C 46 -24.70 7.16 -25.33
N VAL C 47 -23.72 6.96 -24.43
CA VAL C 47 -22.54 6.19 -24.83
C VAL C 47 -22.95 4.77 -25.21
N GLU C 48 -23.79 4.15 -24.38
N GLU C 48 -23.81 4.15 -24.40
CA GLU C 48 -24.29 2.81 -24.70
CA GLU C 48 -24.28 2.80 -24.70
C GLU C 48 -24.96 2.80 -26.07
C GLU C 48 -24.99 2.78 -26.05
N GLN C 49 -25.85 3.76 -26.32
CA GLN C 49 -26.54 3.81 -27.59
C GLN C 49 -25.56 3.97 -28.74
N TYR C 50 -24.61 4.88 -28.61
CA TYR C 50 -23.61 5.10 -29.65
C TYR C 50 -22.87 3.82 -29.98
N MET C 51 -22.42 3.10 -28.95
CA MET C 51 -21.58 1.94 -29.18
C MET C 51 -22.36 0.77 -29.76
N HIS C 52 -23.69 0.78 -29.66
CA HIS C 52 -24.50 -0.33 -30.16
C HIS C 52 -25.31 0.08 -31.40
N THR C 53 -25.01 1.22 -31.99
CA THR C 53 -25.71 1.64 -33.20
C THR C 53 -25.08 0.92 -34.39
N ARG C 54 -25.88 0.15 -35.10
CA ARG C 54 -25.40 -0.63 -36.24
C ARG C 54 -26.36 -0.48 -37.41
N GLY C 55 -25.86 -0.85 -38.59
CA GLY C 55 -26.70 -0.85 -39.77
C GLY C 55 -27.16 0.54 -40.16
N GLU C 56 -28.37 0.60 -40.72
CA GLU C 56 -28.90 1.88 -41.21
C GLU C 56 -29.07 2.90 -40.09
N ALA C 57 -29.17 2.45 -38.83
CA ALA C 57 -29.28 3.40 -37.72
C ALA C 57 -28.06 4.28 -37.62
N ARG C 58 -26.92 3.86 -38.17
CA ARG C 58 -25.72 4.69 -38.15
C ARG C 58 -25.96 6.00 -38.90
N LEU C 59 -26.87 6.00 -39.89
CA LEU C 59 -27.11 7.22 -40.63
C LEU C 59 -27.78 8.31 -39.83
N LYS C 60 -28.30 7.98 -38.64
CA LYS C 60 -28.93 8.97 -37.77
C LYS C 60 -28.14 9.20 -36.48
N ARG C 61 -26.98 8.56 -36.33
CA ARG C 61 -26.25 8.68 -35.08
C ARG C 61 -25.66 10.07 -34.88
N HIS C 62 -25.52 10.86 -35.95
CA HIS C 62 -25.02 12.21 -35.76
C HIS C 62 -25.95 13.03 -34.86
N LEU C 63 -27.21 12.63 -34.74
CA LEU C 63 -28.14 13.33 -33.84
C LEU C 63 -27.79 13.11 -32.36
N LEU C 64 -26.83 12.24 -32.05
CA LEU C 64 -26.32 12.14 -30.69
C LEU C 64 -25.30 13.20 -30.35
N PHE C 65 -24.92 14.03 -31.31
CA PHE C 65 -23.95 15.10 -31.14
C PHE C 65 -24.63 16.45 -31.01
N THR C 66 -23.92 17.37 -30.39
CA THR C 66 -24.29 18.78 -30.46
C THR C 66 -24.15 19.26 -31.91
N GLU C 67 -24.77 20.40 -32.21
CA GLU C 67 -24.70 20.92 -33.58
C GLU C 67 -23.25 21.13 -34.01
N ASP C 68 -22.39 21.59 -33.10
CA ASP C 68 -20.98 21.81 -33.38
C ASP C 68 -20.11 20.67 -32.89
N GLY C 69 -20.69 19.50 -32.70
CA GLY C 69 -19.94 18.38 -32.20
C GLY C 69 -18.88 17.90 -33.17
N VAL C 70 -17.86 17.24 -32.61
CA VAL C 70 -16.72 16.76 -33.37
C VAL C 70 -16.55 15.27 -33.11
N GLY C 71 -16.25 14.51 -34.18
CA GLY C 71 -15.90 13.11 -34.02
C GLY C 71 -14.73 12.80 -34.95
N GLY C 72 -14.14 11.63 -34.76
CA GLY C 72 -13.18 11.18 -35.75
C GLY C 72 -12.06 10.34 -35.12
N LEU C 73 -11.00 10.20 -35.91
CA LEU C 73 -9.91 9.27 -35.63
C LEU C 73 -8.67 10.04 -35.19
N TRP C 74 -8.20 9.77 -33.98
CA TRP C 74 -7.06 10.50 -33.43
C TRP C 74 -5.73 9.84 -33.69
N THR C 75 -5.72 8.61 -34.19
CA THR C 75 -4.48 7.84 -34.41
C THR C 75 -4.41 7.43 -35.88
N THR C 76 -3.58 8.14 -36.63
CA THR C 76 -3.50 7.96 -38.10
C THR C 76 -2.05 7.84 -38.52
N ASP C 77 -1.84 7.48 -39.79
CA ASP C 77 -0.46 7.33 -40.26
C ASP C 77 0.28 8.66 -40.29
N SER C 78 -0.44 9.77 -40.43
CA SER C 78 0.22 11.07 -40.50
C SER C 78 0.64 11.60 -39.14
N GLY C 79 0.08 11.05 -38.05
CA GLY C 79 0.32 11.59 -36.74
C GLY C 79 -0.62 12.69 -36.32
N GLN C 80 -1.51 13.13 -37.22
CA GLN C 80 -2.50 14.14 -36.90
C GLN C 80 -3.89 13.53 -36.89
N PRO C 81 -4.78 13.98 -35.99
CA PRO C 81 -6.16 13.48 -36.04
C PRO C 81 -6.84 13.86 -37.34
N ILE C 82 -7.79 13.03 -37.74
CA ILE C 82 -8.71 13.37 -38.83
C ILE C 82 -10.04 13.60 -38.16
N ALA C 83 -10.42 14.87 -38.01
CA ALA C 83 -11.60 15.27 -37.25
C ALA C 83 -12.73 15.63 -38.19
N ILE C 84 -13.93 15.19 -37.85
CA ILE C 84 -15.16 15.48 -38.58
C ILE C 84 -15.91 16.51 -37.74
N ARG C 85 -16.06 17.73 -38.27
CA ARG C 85 -16.49 18.87 -37.47
C ARG C 85 -17.93 19.25 -37.82
N GLY C 86 -18.82 19.11 -36.86
CA GLY C 86 -20.17 19.58 -37.04
C GLY C 86 -21.14 18.46 -37.29
N ARG C 87 -22.35 18.59 -36.74
CA ARG C 87 -23.33 17.52 -36.86
C ARG C 87 -23.62 17.18 -38.32
N GLU C 88 -23.65 18.19 -39.19
CA GLU C 88 -23.94 17.95 -40.60
C GLU C 88 -22.84 17.11 -41.26
N LYS C 89 -21.59 17.51 -41.07
CA LYS C 89 -20.49 16.73 -41.62
C LYS C 89 -20.43 15.35 -41.00
N LEU C 90 -20.82 15.20 -39.72
CA LEU C 90 -20.85 13.88 -39.13
C LEU C 90 -21.88 12.99 -39.80
N GLY C 91 -23.02 13.56 -40.19
CA GLY C 91 -24.00 12.77 -40.92
C GLY C 91 -23.50 12.36 -42.29
N GLU C 92 -22.78 13.24 -42.97
CA GLU C 92 -22.18 12.89 -44.26
C GLU C 92 -21.14 11.79 -44.08
N HIS C 93 -20.31 11.89 -43.04
CA HIS C 93 -19.30 10.87 -42.78
C HIS C 93 -19.94 9.51 -42.52
N ALA C 94 -21.13 9.49 -41.90
CA ALA C 94 -21.78 8.22 -41.64
C ALA C 94 -22.11 7.48 -42.92
N VAL C 95 -22.47 8.23 -43.98
CA VAL C 95 -22.74 7.59 -45.26
C VAL C 95 -21.48 6.91 -45.78
N TRP C 96 -20.36 7.62 -45.74
CA TRP C 96 -19.10 7.02 -46.16
C TRP C 96 -18.74 5.82 -45.28
N SER C 97 -18.86 5.99 -43.96
CA SER C 97 -18.47 4.93 -43.05
C SER C 97 -19.29 3.66 -43.28
N LEU C 98 -20.59 3.83 -43.56
CA LEU C 98 -21.44 2.66 -43.78
C LEU C 98 -21.08 1.93 -45.07
N GLN C 99 -20.45 2.62 -46.03
CA GLN C 99 -19.97 1.96 -47.24
C GLN C 99 -18.65 1.23 -47.02
N CYS C 100 -17.72 1.86 -46.33
CA CYS C 100 -16.39 1.29 -46.15
C CYS C 100 -16.29 0.32 -44.99
N PHE C 101 -17.17 0.41 -44.01
CA PHE C 101 -17.23 -0.53 -42.89
C PHE C 101 -18.69 -1.01 -42.78
N PRO C 102 -19.14 -1.81 -43.75
CA PRO C 102 -20.59 -2.04 -43.89
C PRO C 102 -21.20 -2.93 -42.82
N ASP C 103 -20.42 -3.78 -42.15
CA ASP C 103 -20.96 -4.71 -41.16
C ASP C 103 -20.27 -4.53 -39.81
N TRP C 104 -19.71 -3.36 -39.57
CA TRP C 104 -18.90 -3.13 -38.39
C TRP C 104 -19.66 -3.39 -37.10
N VAL C 105 -18.96 -3.96 -36.12
CA VAL C 105 -19.51 -4.12 -34.78
C VAL C 105 -18.41 -3.81 -33.78
N TRP C 106 -18.80 -3.10 -32.71
CA TRP C 106 -17.96 -3.00 -31.53
C TRP C 106 -18.27 -4.15 -30.59
N THR C 107 -17.22 -4.73 -30.00
CA THR C 107 -17.36 -5.88 -29.12
C THR C 107 -16.56 -5.65 -27.84
N ASP C 108 -16.83 -6.50 -26.84
CA ASP C 108 -16.10 -6.46 -25.57
C ASP C 108 -16.09 -5.05 -24.98
N ILE C 109 -17.28 -4.44 -24.98
CA ILE C 109 -17.40 -3.03 -24.64
C ILE C 109 -17.33 -2.85 -23.14
N GLN C 110 -16.45 -1.97 -22.68
CA GLN C 110 -16.34 -1.60 -21.27
C GLN C 110 -16.43 -0.09 -21.19
N ILE C 111 -17.49 0.42 -20.56
CA ILE C 111 -17.72 1.85 -20.44
C ILE C 111 -17.20 2.32 -19.09
N PHE C 112 -16.38 3.34 -19.10
CA PHE C 112 -15.83 3.94 -17.88
C PHE C 112 -16.42 5.33 -17.69
N GLU C 113 -17.22 5.50 -16.65
CA GLU C 113 -17.51 6.83 -16.12
C GLU C 113 -16.25 7.42 -15.52
N THR C 114 -16.21 8.73 -15.36
CA THR C 114 -15.09 9.38 -14.69
C THR C 114 -15.62 10.37 -13.66
N GLN C 115 -14.68 11.04 -12.96
CA GLN C 115 -15.08 12.06 -12.00
C GLN C 115 -15.77 13.25 -12.69
N ASP C 116 -15.58 13.39 -14.00
CA ASP C 116 -16.28 14.39 -14.78
C ASP C 116 -17.55 13.74 -15.31
N PRO C 117 -18.74 14.20 -14.91
CA PRO C 117 -19.96 13.54 -15.37
C PRO C 117 -20.15 13.64 -16.87
N ASN C 118 -19.42 14.54 -17.52
CA ASN C 118 -19.50 14.75 -18.96
C ASN C 118 -18.32 14.17 -19.72
N TRP C 119 -17.56 13.28 -19.09
CA TRP C 119 -16.41 12.66 -19.79
C TRP C 119 -16.42 11.18 -19.49
N PHE C 120 -16.48 10.37 -20.55
CA PHE C 120 -16.48 8.92 -20.48
C PHE C 120 -15.34 8.38 -21.36
N TRP C 121 -14.85 7.20 -21.00
CA TRP C 121 -13.90 6.45 -21.81
C TRP C 121 -14.50 5.08 -22.07
N VAL C 122 -14.21 4.52 -23.25
CA VAL C 122 -14.67 3.19 -23.61
C VAL C 122 -13.48 2.38 -24.11
N GLU C 123 -13.28 1.19 -23.55
CA GLU C 123 -12.33 0.23 -24.08
C GLU C 123 -13.16 -0.85 -24.78
N CYS C 124 -12.78 -1.20 -26.00
CA CYS C 124 -13.51 -2.23 -26.72
C CYS C 124 -12.61 -2.80 -27.81
N ARG C 125 -13.11 -3.84 -28.48
CA ARG C 125 -12.59 -4.28 -29.76
C ARG C 125 -13.62 -3.97 -30.84
N GLY C 126 -13.21 -4.19 -32.08
CA GLY C 126 -14.14 -4.01 -33.18
C GLY C 126 -13.67 -4.85 -34.36
N GLU C 127 -14.62 -5.22 -35.21
CA GLU C 127 -14.25 -6.02 -36.37
C GLU C 127 -15.32 -5.86 -37.45
N GLY C 128 -14.89 -6.12 -38.67
CA GLY C 128 -15.80 -6.04 -39.80
C GLY C 128 -15.01 -5.95 -41.08
N ALA C 129 -15.74 -6.09 -42.18
CA ALA C 129 -15.14 -5.86 -43.49
C ALA C 129 -14.65 -4.43 -43.59
N ILE C 130 -13.54 -4.24 -44.31
CA ILE C 130 -13.05 -2.92 -44.67
C ILE C 130 -13.03 -2.83 -46.18
N VAL C 131 -13.71 -1.82 -46.71
CA VAL C 131 -13.88 -1.64 -48.15
C VAL C 131 -13.40 -0.25 -48.53
N PHE C 132 -12.09 -0.07 -48.58
CA PHE C 132 -11.52 1.23 -48.88
C PHE C 132 -11.27 1.34 -50.39
N PRO C 133 -11.53 2.50 -50.98
CA PRO C 133 -11.36 2.66 -52.42
C PRO C 133 -9.94 2.33 -52.87
N GLY C 134 -9.84 1.48 -53.89
CA GLY C 134 -8.54 1.15 -54.47
C GLY C 134 -7.72 0.17 -53.67
N TYR C 135 -8.28 -0.42 -52.62
CA TYR C 135 -7.65 -1.51 -51.89
C TYR C 135 -8.51 -2.77 -52.01
N PRO C 136 -7.91 -3.95 -51.92
CA PRO C 136 -8.72 -5.18 -51.91
C PRO C 136 -9.63 -5.20 -50.69
N ARG C 137 -10.83 -5.75 -50.86
CA ARG C 137 -11.71 -6.02 -49.73
C ARG C 137 -10.95 -6.80 -48.67
N GLY C 138 -11.02 -6.32 -47.42
CA GLY C 138 -10.27 -6.92 -46.34
C GLY C 138 -11.16 -7.17 -45.13
N GLN C 139 -10.55 -7.81 -44.13
CA GLN C 139 -11.18 -8.00 -42.83
C GLN C 139 -10.33 -7.27 -41.79
N TYR C 140 -10.96 -6.34 -41.07
CA TYR C 140 -10.27 -5.45 -40.14
C TYR C 140 -10.69 -5.81 -38.73
N ARG C 141 -9.70 -6.06 -37.86
CA ARG C 141 -9.94 -6.27 -36.43
C ARG C 141 -8.96 -5.40 -35.67
N ASN C 142 -9.43 -4.78 -34.58
CA ASN C 142 -8.53 -3.95 -33.80
C ASN C 142 -9.05 -3.80 -32.39
N HIS C 143 -8.17 -3.29 -31.54
CA HIS C 143 -8.50 -2.86 -30.20
C HIS C 143 -8.65 -1.35 -30.22
N PHE C 144 -9.59 -0.82 -29.45
CA PHE C 144 -9.94 0.59 -29.52
C PHE C 144 -10.12 1.19 -28.13
N LEU C 145 -9.78 2.46 -28.01
CA LEU C 145 -10.21 3.31 -26.91
C LEU C 145 -10.99 4.46 -27.52
N HIS C 146 -12.13 4.80 -26.91
CA HIS C 146 -12.92 5.95 -27.33
C HIS C 146 -13.04 6.93 -26.17
N SER C 147 -12.92 8.21 -26.46
CA SER C 147 -13.22 9.30 -25.55
C SER C 147 -14.53 9.97 -25.95
N PHE C 148 -15.42 10.19 -24.97
CA PHE C 148 -16.70 10.87 -25.20
C PHE C 148 -16.82 12.02 -24.21
N ARG C 149 -16.90 13.25 -24.73
CA ARG C 149 -17.15 14.42 -23.91
C ARG C 149 -18.51 14.99 -24.30
N PHE C 150 -19.28 15.37 -23.29
CA PHE C 150 -20.68 15.75 -23.45
C PHE C 150 -20.91 17.21 -23.12
N GLU C 151 -21.99 17.74 -23.69
CA GLU C 151 -22.47 19.10 -23.40
C GLU C 151 -23.99 19.07 -23.50
N ASN C 152 -24.66 19.37 -22.39
CA ASN C 152 -26.11 19.48 -22.35
C ASN C 152 -26.79 18.26 -22.97
N GLY C 153 -26.32 17.08 -22.58
CA GLY C 153 -27.00 15.86 -22.91
C GLY C 153 -26.59 15.19 -24.20
N LEU C 154 -25.68 15.78 -24.96
CA LEU C 154 -25.26 15.25 -26.24
C LEU C 154 -23.74 15.28 -26.35
N ILE C 155 -23.24 14.54 -27.33
CA ILE C 155 -21.79 14.36 -27.51
C ILE C 155 -21.21 15.64 -28.14
N LYS C 156 -20.27 16.27 -27.44
CA LYS C 156 -19.52 17.40 -27.96
C LYS C 156 -18.25 16.96 -28.67
N GLU C 157 -17.63 15.87 -28.21
CA GLU C 157 -16.40 15.40 -28.85
C GLU C 157 -16.28 13.89 -28.65
N GLN C 158 -16.21 13.15 -29.75
CA GLN C 158 -15.88 11.73 -29.77
C GLN C 158 -14.53 11.56 -30.44
N ARG C 159 -13.68 10.73 -29.87
CA ARG C 159 -12.36 10.50 -30.43
C ARG C 159 -12.07 9.00 -30.38
N GLU C 160 -11.65 8.43 -31.51
CA GLU C 160 -11.27 7.03 -31.62
C GLU C 160 -9.75 6.91 -31.59
N PHE C 161 -9.23 6.01 -30.76
CA PHE C 161 -7.81 5.73 -30.65
C PHE C 161 -7.57 4.26 -30.90
N MET C 162 -6.63 3.94 -31.79
CA MET C 162 -6.31 2.55 -32.06
C MET C 162 -4.87 2.48 -32.55
N ASN C 163 -4.43 1.26 -32.83
CA ASN C 163 -3.12 1.02 -33.44
C ASN C 163 -3.26 0.99 -34.95
N PRO C 164 -2.79 2.00 -35.69
CA PRO C 164 -3.01 2.00 -37.14
C PRO C 164 -2.35 0.85 -37.85
N CYS C 165 -1.36 0.19 -37.22
CA CYS C 165 -0.72 -0.95 -37.87
C CYS C 165 -1.73 -2.03 -38.23
N GLU C 166 -2.77 -2.21 -37.42
CA GLU C 166 -3.77 -3.24 -37.75
C GLU C 166 -4.67 -2.80 -38.89
N GLN C 167 -4.90 -1.50 -39.07
CA GLN C 167 -5.65 -1.06 -40.24
C GLN C 167 -4.78 -1.20 -41.48
N PHE C 168 -3.48 -0.92 -41.38
CA PHE C 168 -2.57 -1.20 -42.50
C PHE C 168 -2.70 -2.66 -42.92
N ARG C 169 -2.60 -3.58 -41.95
CA ARG C 169 -2.66 -5.01 -42.27
C ARG C 169 -3.95 -5.36 -42.98
N SER C 170 -5.08 -4.83 -42.51
CA SER C 170 -6.37 -5.14 -43.14
C SER C 170 -6.42 -4.69 -44.59
N LEU C 171 -5.62 -3.68 -44.95
CA LEU C 171 -5.60 -3.14 -46.29
C LEU C 171 -4.49 -3.75 -47.15
N GLY C 172 -3.72 -4.69 -46.61
CA GLY C 172 -2.61 -5.26 -47.35
C GLY C 172 -1.40 -4.38 -47.43
N ILE C 173 -1.31 -3.37 -46.57
CA ILE C 173 -0.18 -2.46 -46.52
C ILE C 173 0.89 -3.06 -45.62
N GLU C 174 2.14 -3.05 -46.10
CA GLU C 174 3.23 -3.61 -45.31
C GLU C 174 3.51 -2.76 -44.07
N VAL C 175 3.63 -3.40 -42.92
CA VAL C 175 3.87 -2.73 -41.64
C VAL C 175 5.37 -2.77 -41.37
N PRO C 176 6.02 -1.65 -41.10
CA PRO C 176 7.45 -1.71 -40.77
C PRO C 176 7.62 -2.41 -39.42
N GLU C 177 8.81 -2.96 -39.25
CA GLU C 177 9.17 -3.71 -38.06
C GLU C 177 10.36 -3.05 -37.40
N VAL C 178 10.22 -2.67 -36.14
CA VAL C 178 11.37 -2.22 -35.35
C VAL C 178 12.29 -3.40 -35.10
N ARG C 179 13.56 -3.24 -35.42
CA ARG C 179 14.53 -4.30 -35.19
C ARG C 179 14.75 -4.49 -33.69
N ARG C 180 14.58 -5.72 -33.21
N ARG C 180 14.58 -5.72 -33.21
CA ARG C 180 14.60 -6.02 -31.79
CA ARG C 180 14.61 -6.01 -31.78
C ARG C 180 15.84 -6.77 -31.33
C ARG C 180 15.86 -6.76 -31.32
N ASP C 181 16.82 -7.00 -32.21
CA ASP C 181 17.97 -7.80 -31.85
C ASP C 181 18.69 -7.25 -30.63
N GLY C 182 18.82 -5.92 -30.55
CA GLY C 182 19.52 -5.31 -29.43
C GLY C 182 18.68 -5.08 -28.21
N LEU C 183 17.40 -5.46 -28.26
CA LEU C 183 16.47 -5.23 -27.16
C LEU C 183 16.36 -6.48 -26.30
N PRO C 184 16.21 -6.32 -24.98
CA PRO C 184 16.05 -7.51 -24.13
C PRO C 184 14.84 -8.33 -24.52
N SER C 185 15.04 -9.65 -24.58
CA SER C 185 13.97 -10.57 -24.95
C SER C 185 13.85 -11.67 -23.90
N ASN D 33 -17.88 0.00 -0.17
CA ASN D 33 -18.56 1.28 0.03
C ASN D 33 -17.53 2.30 0.54
N ARG D 34 -17.43 2.44 1.86
CA ARG D 34 -16.31 3.18 2.41
C ARG D 34 -14.99 2.55 1.99
N ALA D 35 -14.99 1.25 1.72
CA ALA D 35 -13.80 0.59 1.19
C ALA D 35 -13.50 1.04 -0.24
N GLN D 36 -14.55 1.31 -1.03
CA GLN D 36 -14.29 1.73 -2.41
C GLN D 36 -13.71 3.15 -2.45
N VAL D 37 -14.28 4.06 -1.65
CA VAL D 37 -13.75 5.42 -1.60
C VAL D 37 -12.29 5.42 -1.15
N ALA D 38 -12.00 4.68 -0.06
CA ALA D 38 -10.62 4.65 0.44
C ALA D 38 -9.67 4.12 -0.63
N ALA D 39 -10.06 3.04 -1.30
CA ALA D 39 -9.20 2.51 -2.36
C ALA D 39 -8.93 3.55 -3.44
N ARG D 40 -9.97 4.28 -3.87
CA ARG D 40 -9.78 5.19 -5.00
C ARG D 40 -8.80 6.31 -4.65
N GLN D 41 -8.91 6.86 -3.45
CA GLN D 41 -8.03 7.96 -3.06
C GLN D 41 -6.57 7.50 -2.96
N HIS D 42 -6.36 6.33 -2.40
CA HIS D 42 -4.99 5.81 -2.34
C HIS D 42 -4.45 5.51 -3.75
N ASN D 43 -5.26 4.81 -4.55
CA ASN D 43 -4.78 4.42 -5.87
C ASN D 43 -4.45 5.66 -6.72
N ARG D 44 -5.25 6.72 -6.59
CA ARG D 44 -4.96 7.92 -7.36
C ARG D 44 -3.57 8.46 -7.03
N LYS D 45 -3.20 8.43 -5.75
CA LYS D 45 -1.88 8.90 -5.34
C LYS D 45 -0.79 8.08 -6.03
N ILE D 46 -1.01 6.78 -6.18
CA ILE D 46 -0.02 5.94 -6.83
C ILE D 46 0.09 6.28 -8.32
N VAL D 47 -1.06 6.51 -8.98
CA VAL D 47 -1.02 6.88 -10.40
C VAL D 47 -0.25 8.19 -10.57
N GLU D 48 -0.54 9.18 -9.71
CA GLU D 48 0.17 10.45 -9.78
C GLU D 48 1.67 10.24 -9.60
N GLN D 49 2.06 9.43 -8.62
CA GLN D 49 3.49 9.19 -8.40
C GLN D 49 4.11 8.51 -9.60
N TYR D 50 3.44 7.49 -10.14
CA TYR D 50 3.95 6.79 -11.31
C TYR D 50 4.20 7.76 -12.46
N MET D 51 3.21 8.60 -12.76
CA MET D 51 3.29 9.46 -13.93
C MET D 51 4.36 10.53 -13.78
N HIS D 52 4.72 10.90 -12.55
CA HIS D 52 5.71 11.93 -12.31
C HIS D 52 7.08 11.38 -11.97
N THR D 53 7.24 10.06 -11.99
CA THR D 53 8.56 9.47 -11.72
C THR D 53 9.49 9.67 -12.90
N ARG D 54 10.66 10.26 -12.63
CA ARG D 54 11.62 10.60 -13.67
C ARG D 54 13.03 10.29 -13.19
N GLY D 55 13.94 10.23 -14.16
CA GLY D 55 15.35 10.05 -13.79
C GLY D 55 15.58 8.78 -13.02
N GLU D 56 16.51 8.85 -12.06
CA GLU D 56 16.93 7.66 -11.33
C GLU D 56 15.82 7.05 -10.51
N ALA D 57 14.79 7.81 -10.17
CA ALA D 57 13.67 7.23 -9.44
C ALA D 57 12.93 6.17 -10.26
N ARG D 58 13.09 6.19 -11.59
CA ARG D 58 12.49 5.14 -12.40
C ARG D 58 13.01 3.76 -12.02
N LEU D 59 14.23 3.69 -11.50
CA LEU D 59 14.79 2.39 -11.15
C LEU D 59 14.06 1.72 -10.00
N LYS D 60 13.27 2.47 -9.23
CA LYS D 60 12.53 1.92 -8.11
C LYS D 60 11.02 1.91 -8.37
N ARG D 61 10.59 2.33 -9.56
CA ARG D 61 9.15 2.45 -9.79
C ARG D 61 8.46 1.09 -9.79
N HIS D 62 9.18 0.01 -10.02
CA HIS D 62 8.57 -1.32 -10.00
C HIS D 62 8.00 -1.65 -8.64
N LEU D 63 8.43 -0.95 -7.58
CA LEU D 63 7.88 -1.17 -6.26
C LEU D 63 6.46 -0.62 -6.11
N LEU D 64 5.94 0.07 -7.13
CA LEU D 64 4.53 0.46 -7.15
C LEU D 64 3.64 -0.65 -7.66
N PHE D 65 4.21 -1.80 -8.03
CA PHE D 65 3.48 -2.92 -8.60
C PHE D 65 3.35 -4.03 -7.57
N THR D 66 2.33 -4.86 -7.75
CA THR D 66 2.25 -6.12 -7.05
C THR D 66 3.38 -7.05 -7.50
N GLU D 67 3.64 -8.09 -6.69
CA GLU D 67 4.72 -9.02 -7.04
C GLU D 67 4.53 -9.60 -8.43
N ASP D 68 3.27 -9.93 -8.79
CA ASP D 68 2.94 -10.50 -10.07
C ASP D 68 2.41 -9.46 -11.05
N GLY D 69 2.66 -8.18 -10.77
CA GLY D 69 2.12 -7.13 -11.63
C GLY D 69 2.72 -7.17 -13.02
N VAL D 70 1.97 -6.60 -13.96
CA VAL D 70 2.31 -6.59 -15.37
C VAL D 70 2.33 -5.16 -15.84
N GLY D 71 3.30 -4.83 -16.69
CA GLY D 71 3.31 -3.55 -17.37
C GLY D 71 3.74 -3.76 -18.80
N GLY D 72 3.57 -2.73 -19.60
CA GLY D 72 4.18 -2.78 -20.93
C GLY D 72 3.37 -2.00 -21.94
N LEU D 73 3.62 -2.34 -23.21
CA LEU D 73 3.17 -1.57 -24.37
C LEU D 73 2.15 -2.41 -25.15
N TRP D 74 0.93 -1.91 -25.23
CA TRP D 74 -0.15 -2.66 -25.86
C TRP D 74 -0.31 -2.36 -27.35
N THR D 75 0.41 -1.37 -27.86
CA THR D 75 0.28 -0.93 -29.26
C THR D 75 1.64 -0.99 -29.93
N THR D 76 1.85 -2.02 -30.74
CA THR D 76 3.16 -2.31 -31.32
C THR D 76 3.00 -2.63 -32.79
N ASP D 77 4.13 -2.71 -33.49
CA ASP D 77 4.08 -2.99 -34.92
C ASP D 77 3.59 -4.40 -35.23
N SER D 78 3.69 -5.32 -34.29
CA SER D 78 3.24 -6.69 -34.52
C SER D 78 1.74 -6.86 -34.34
N GLY D 79 1.09 -5.93 -33.66
CA GLY D 79 -0.30 -6.09 -33.29
C GLY D 79 -0.52 -6.82 -31.98
N GLN D 80 0.54 -7.32 -31.34
CA GLN D 80 0.43 -7.97 -30.05
C GLN D 80 1.09 -7.12 -28.97
N PRO D 81 0.55 -7.10 -27.75
CA PRO D 81 1.24 -6.37 -26.68
C PRO D 81 2.60 -6.97 -26.40
N ILE D 82 3.51 -6.13 -25.90
CA ILE D 82 4.78 -6.57 -25.36
C ILE D 82 4.68 -6.33 -23.85
N ALA D 83 4.44 -7.40 -23.11
CA ALA D 83 4.16 -7.30 -21.68
C ALA D 83 5.38 -7.69 -20.87
N ILE D 84 5.60 -6.96 -19.78
CA ILE D 84 6.68 -7.21 -18.84
C ILE D 84 6.01 -7.78 -17.59
N ARG D 85 6.30 -9.04 -17.27
CA ARG D 85 5.54 -9.81 -16.31
C ARG D 85 6.33 -10.01 -15.02
N GLY D 86 5.82 -9.41 -13.94
CA GLY D 86 6.40 -9.62 -12.63
C GLY D 86 7.25 -8.45 -12.19
N ARG D 87 7.22 -8.14 -10.91
CA ARG D 87 7.94 -6.98 -10.40
C ARG D 87 9.43 -7.07 -10.71
N GLU D 88 10.01 -8.27 -10.63
CA GLU D 88 11.44 -8.41 -10.90
C GLU D 88 11.78 -8.05 -12.34
N LYS D 89 11.01 -8.58 -13.29
CA LYS D 89 11.23 -8.22 -14.69
C LYS D 89 10.93 -6.75 -14.95
N LEU D 90 9.96 -6.18 -14.22
CA LEU D 90 9.71 -4.75 -14.37
C LEU D 90 10.89 -3.94 -13.90
N GLY D 91 11.57 -4.38 -12.83
CA GLY D 91 12.75 -3.68 -12.40
C GLY D 91 13.89 -3.76 -13.40
N GLU D 92 14.06 -4.93 -14.02
CA GLU D 92 15.06 -5.07 -15.09
C GLU D 92 14.70 -4.20 -16.29
N HIS D 93 13.42 -4.15 -16.65
CA HIS D 93 12.99 -3.34 -17.77
C HIS D 93 13.29 -1.87 -17.55
N ALA D 94 13.20 -1.41 -16.29
CA ALA D 94 13.46 -0.01 -16.00
C ALA D 94 14.91 0.36 -16.29
N VAL D 95 15.84 -0.57 -16.05
CA VAL D 95 17.24 -0.31 -16.39
C VAL D 95 17.36 -0.12 -17.90
N TRP D 96 16.73 -0.99 -18.67
CA TRP D 96 16.75 -0.84 -20.13
C TRP D 96 16.12 0.48 -20.53
N SER D 97 14.96 0.79 -19.96
CA SER D 97 14.23 2.00 -20.33
C SER D 97 15.04 3.25 -20.04
N LEU D 98 15.78 3.27 -18.93
CA LEU D 98 16.59 4.45 -18.64
C LEU D 98 17.75 4.60 -19.62
N GLN D 99 18.16 3.51 -20.28
CA GLN D 99 19.18 3.64 -21.32
C GLN D 99 18.59 4.14 -22.64
N CYS D 100 17.45 3.60 -23.04
CA CYS D 100 16.92 3.89 -24.38
C CYS D 100 15.95 5.06 -24.39
N PHE D 101 15.40 5.42 -23.24
CA PHE D 101 14.57 6.62 -23.08
C PHE D 101 15.14 7.39 -21.88
N PRO D 102 16.32 7.98 -22.05
CA PRO D 102 17.09 8.40 -20.86
C PRO D 102 16.54 9.62 -20.14
N ASP D 103 15.73 10.46 -20.80
CA ASP D 103 15.27 11.71 -20.20
C ASP D 103 13.75 11.86 -20.35
N TRP D 104 13.04 10.74 -20.41
CA TRP D 104 11.62 10.76 -20.72
C TRP D 104 10.82 11.53 -19.69
N VAL D 105 9.83 12.26 -20.17
CA VAL D 105 8.91 13.01 -19.32
C VAL D 105 7.49 12.80 -19.85
N TRP D 106 6.56 12.49 -18.95
CA TRP D 106 5.13 12.55 -19.26
C TRP D 106 4.62 13.97 -18.98
N THR D 107 3.88 14.52 -19.93
CA THR D 107 3.36 15.89 -19.83
C THR D 107 1.86 15.89 -20.07
N ASP D 108 1.22 17.03 -19.77
CA ASP D 108 -0.21 17.21 -20.05
C ASP D 108 -1.02 16.08 -19.44
N ILE D 109 -0.70 15.74 -18.18
CA ILE D 109 -1.27 14.56 -17.55
C ILE D 109 -2.68 14.85 -17.05
N GLN D 110 -3.65 14.03 -17.48
CA GLN D 110 -5.02 14.08 -17.01
C GLN D 110 -5.37 12.71 -16.47
N ILE D 111 -5.68 12.62 -15.17
CA ILE D 111 -5.97 11.36 -14.53
C ILE D 111 -7.48 11.21 -14.43
N PHE D 112 -8.00 10.08 -14.90
CA PHE D 112 -9.43 9.79 -14.85
C PHE D 112 -9.68 8.66 -13.87
N GLU D 113 -10.38 8.96 -12.76
CA GLU D 113 -10.96 7.91 -11.95
C GLU D 113 -12.13 7.30 -12.70
N THR D 114 -12.54 6.12 -12.27
CA THR D 114 -13.70 5.46 -12.86
C THR D 114 -14.62 4.94 -11.77
N GLN D 115 -15.73 4.32 -12.20
CA GLN D 115 -16.66 3.71 -11.25
C GLN D 115 -16.00 2.54 -10.52
N ASP D 116 -14.92 1.99 -11.09
CA ASP D 116 -14.13 0.96 -10.42
C ASP D 116 -13.04 1.67 -9.65
N PRO D 117 -13.02 1.61 -8.31
CA PRO D 117 -11.99 2.33 -7.56
C PRO D 117 -10.60 1.81 -7.83
N ASN D 118 -10.49 0.62 -8.41
CA ASN D 118 -9.20 0.02 -8.76
C ASN D 118 -8.87 0.13 -10.24
N TRP D 119 -9.54 1.02 -10.98
CA TRP D 119 -9.23 1.17 -12.40
C TRP D 119 -9.18 2.65 -12.74
N PHE D 120 -8.05 3.09 -13.27
CA PHE D 120 -7.84 4.47 -13.68
C PHE D 120 -7.38 4.51 -15.12
N TRP D 121 -7.64 5.62 -15.79
CA TRP D 121 -7.11 5.90 -17.12
C TRP D 121 -6.37 7.23 -17.04
N VAL D 122 -5.35 7.37 -17.85
CA VAL D 122 -4.57 8.59 -17.93
C VAL D 122 -4.42 8.96 -19.39
N GLU D 123 -4.75 10.20 -19.73
CA GLU D 123 -4.46 10.76 -21.03
C GLU D 123 -3.29 11.72 -20.83
N CYS D 124 -2.27 11.63 -21.70
CA CYS D 124 -1.12 12.50 -21.53
C CYS D 124 -0.35 12.54 -22.84
N ARG D 125 0.69 13.35 -22.85
N ARG D 125 0.71 13.33 -22.84
CA ARG D 125 1.72 13.31 -23.88
CA ARG D 125 1.72 13.31 -23.88
C ARG D 125 3.03 12.88 -23.24
C ARG D 125 3.05 12.94 -23.24
N GLY D 126 4.04 12.70 -24.08
CA GLY D 126 5.36 12.32 -23.58
C GLY D 126 6.40 12.74 -24.57
N GLU D 127 7.61 13.00 -24.06
CA GLU D 127 8.69 13.44 -24.93
C GLU D 127 10.03 13.05 -24.31
N GLY D 128 11.02 12.87 -25.18
CA GLY D 128 12.36 12.54 -24.76
C GLY D 128 13.16 11.97 -25.89
N ALA D 129 14.47 11.88 -25.66
CA ALA D 129 15.34 11.21 -26.60
C ALA D 129 14.95 9.73 -26.71
N ILE D 130 15.13 9.16 -27.89
CA ILE D 130 14.98 7.72 -28.08
C ILE D 130 16.32 7.20 -28.58
N VAL D 131 16.85 6.22 -27.87
CA VAL D 131 18.20 5.70 -28.13
C VAL D 131 18.07 4.18 -28.29
N PHE D 132 17.51 3.75 -29.40
CA PHE D 132 17.31 2.33 -29.63
C PHE D 132 18.54 1.73 -30.29
N PRO D 133 18.86 0.47 -29.97
CA PRO D 133 20.06 -0.15 -30.53
C PRO D 133 20.01 -0.19 -32.05
N GLY D 134 21.07 0.30 -32.68
CA GLY D 134 21.18 0.24 -34.12
C GLY D 134 20.37 1.25 -34.87
N TYR D 135 19.73 2.18 -34.20
CA TYR D 135 19.01 3.28 -34.84
C TYR D 135 19.67 4.60 -34.49
N PRO D 136 19.57 5.62 -35.34
CA PRO D 136 20.13 6.92 -34.98
C PRO D 136 19.43 7.49 -33.77
N ARG D 137 20.17 8.20 -32.92
CA ARG D 137 19.55 8.88 -31.80
C ARG D 137 18.50 9.86 -32.31
N GLY D 138 17.33 9.86 -31.68
CA GLY D 138 16.21 10.66 -32.14
C GLY D 138 15.49 11.33 -31.00
N GLN D 139 14.52 12.16 -31.36
CA GLN D 139 13.64 12.82 -30.39
C GLN D 139 12.24 12.29 -30.64
N TYR D 140 11.63 11.75 -29.60
CA TYR D 140 10.36 11.05 -29.71
C TYR D 140 9.32 11.85 -28.95
N ARG D 141 8.23 12.19 -29.64
CA ARG D 141 7.08 12.85 -29.03
C ARG D 141 5.82 12.08 -29.41
N ASN D 142 4.91 11.90 -28.46
CA ASN D 142 3.69 11.18 -28.81
C ASN D 142 2.59 11.53 -27.82
N HIS D 143 1.39 11.15 -28.21
CA HIS D 143 0.22 11.17 -27.35
C HIS D 143 0.02 9.76 -26.80
N PHE D 144 -0.42 9.68 -25.53
CA PHE D 144 -0.53 8.40 -24.85
C PHE D 144 -1.83 8.28 -24.07
N LEU D 145 -2.31 7.05 -23.98
CA LEU D 145 -3.30 6.64 -23.00
C LEU D 145 -2.70 5.53 -22.14
N HIS D 146 -2.88 5.62 -20.83
CA HIS D 146 -2.43 4.56 -19.93
C HIS D 146 -3.63 4.00 -19.18
N SER D 147 -3.66 2.69 -19.00
CA SER D 147 -4.57 2.00 -18.12
C SER D 147 -3.84 1.52 -16.87
N PHE D 148 -4.41 1.79 -15.70
CA PHE D 148 -3.86 1.32 -14.43
C PHE D 148 -4.93 0.55 -13.67
N ARG D 149 -4.70 -0.73 -13.42
CA ARG D 149 -5.58 -1.53 -12.59
C ARG D 149 -4.84 -1.90 -11.32
N PHE D 150 -5.53 -1.81 -10.19
CA PHE D 150 -4.93 -1.97 -8.88
C PHE D 150 -5.45 -3.20 -8.17
N GLU D 151 -4.63 -3.67 -7.23
CA GLU D 151 -4.98 -4.77 -6.34
C GLU D 151 -4.27 -4.52 -5.02
N ASN D 152 -5.03 -4.41 -3.95
CA ASN D 152 -4.52 -4.21 -2.60
C ASN D 152 -3.45 -3.11 -2.56
N GLY D 153 -3.78 -1.96 -3.16
CA GLY D 153 -2.97 -0.77 -2.97
C GLY D 153 -1.83 -0.60 -3.94
N LEU D 154 -1.60 -1.55 -4.84
CA LEU D 154 -0.50 -1.47 -5.80
C LEU D 154 -1.00 -1.79 -7.19
N ILE D 155 -0.17 -1.46 -8.19
CA ILE D 155 -0.54 -1.64 -9.59
C ILE D 155 -0.45 -3.11 -9.95
N LYS D 156 -1.58 -3.70 -10.36
CA LYS D 156 -1.62 -5.06 -10.87
C LYS D 156 -1.37 -5.11 -12.38
N GLU D 157 -1.80 -4.09 -13.11
CA GLU D 157 -1.64 -4.07 -14.57
C GLU D 157 -1.56 -2.63 -15.03
N GLN D 158 -0.44 -2.28 -15.68
CA GLN D 158 -0.28 -1.03 -16.39
C GLN D 158 -0.16 -1.33 -17.86
N ARG D 159 -0.85 -0.54 -18.69
CA ARG D 159 -0.78 -0.71 -20.14
C ARG D 159 -0.64 0.65 -20.80
N GLU D 160 0.34 0.77 -21.70
CA GLU D 160 0.57 1.97 -22.49
C GLU D 160 -0.02 1.80 -23.88
N PHE D 161 -0.82 2.80 -24.31
CA PHE D 161 -1.41 2.81 -25.65
C PHE D 161 -0.96 4.06 -26.39
N MET D 162 -0.48 3.91 -27.63
CA MET D 162 -0.08 5.06 -28.40
C MET D 162 -0.18 4.70 -29.88
N ASN D 163 0.10 5.69 -30.71
CA ASN D 163 0.21 5.49 -32.16
C ASN D 163 1.64 5.13 -32.53
N PRO D 164 1.93 3.88 -32.88
CA PRO D 164 3.33 3.51 -33.13
C PRO D 164 3.93 4.25 -34.32
N CYS D 165 3.11 4.85 -35.18
CA CYS D 165 3.66 5.59 -36.31
C CYS D 165 4.61 6.69 -35.83
N GLU D 166 4.33 7.29 -34.68
CA GLU D 166 5.21 8.36 -34.19
C GLU D 166 6.50 7.81 -33.63
N GLN D 167 6.50 6.58 -33.11
CA GLN D 167 7.75 5.96 -32.69
C GLN D 167 8.56 5.56 -33.91
N PHE D 168 7.88 5.10 -34.98
CA PHE D 168 8.59 4.84 -36.23
C PHE D 168 9.31 6.10 -36.69
N ARG D 169 8.59 7.22 -36.75
CA ARG D 169 9.18 8.48 -37.19
C ARG D 169 10.40 8.85 -36.36
N SER D 170 10.31 8.70 -35.04
CA SER D 170 11.45 9.08 -34.19
C SER D 170 12.67 8.22 -34.46
N LEU D 171 12.48 7.00 -34.98
CA LEU D 171 13.58 6.09 -35.28
C LEU D 171 14.04 6.18 -36.74
N GLY D 172 13.45 7.08 -37.54
CA GLY D 172 13.79 7.16 -38.93
C GLY D 172 13.17 6.10 -39.81
N ILE D 173 12.20 5.36 -39.31
CA ILE D 173 11.53 4.32 -40.07
C ILE D 173 10.42 4.94 -40.91
N GLU D 174 10.36 4.58 -42.19
CA GLU D 174 9.33 5.10 -43.09
C GLU D 174 7.97 4.60 -42.67
N VAL D 175 7.02 5.51 -42.60
CA VAL D 175 5.64 5.20 -42.22
C VAL D 175 4.81 5.08 -43.48
N PRO D 176 4.08 3.99 -43.68
CA PRO D 176 3.27 3.88 -44.90
C PRO D 176 2.10 4.87 -44.83
N GLU D 177 1.56 5.17 -45.98
CA GLU D 177 0.50 6.16 -46.14
C GLU D 177 -0.69 5.49 -46.79
N VAL D 178 -1.83 5.50 -46.10
CA VAL D 178 -3.07 5.04 -46.70
C VAL D 178 -3.46 6.02 -47.80
N ARG D 179 -3.68 5.51 -49.00
CA ARG D 179 -4.10 6.35 -50.10
C ARG D 179 -5.49 6.93 -49.83
N ARG D 180 -5.59 8.26 -49.87
CA ARG D 180 -6.81 8.96 -49.51
C ARG D 180 -7.60 9.48 -50.69
N ASP D 181 -7.12 9.24 -51.92
CA ASP D 181 -7.70 9.88 -53.09
C ASP D 181 -9.20 9.62 -53.19
N GLY D 182 -9.62 8.39 -52.91
CA GLY D 182 -11.01 8.02 -53.05
C GLY D 182 -11.86 8.33 -51.84
N LEU D 183 -11.25 8.86 -50.78
CA LEU D 183 -11.94 9.16 -49.53
C LEU D 183 -12.43 10.60 -49.52
N PRO D 184 -13.60 10.89 -48.93
CA PRO D 184 -14.07 12.28 -48.88
C PRO D 184 -13.07 13.16 -48.13
N SER D 185 -12.86 14.36 -48.65
CA SER D 185 -11.92 15.30 -48.06
C SER D 185 -12.63 16.60 -47.69
C ACT E . -7.77 -6.01 15.55
O ACT E . -7.15 -4.91 15.48
OXT ACT E . -8.49 -6.45 16.49
CH3 ACT E . -7.64 -6.94 14.35
H1 ACT E . -7.78 -6.44 13.54
H2 ACT E . -8.29 -7.65 14.41
H3 ACT E . -6.75 -7.33 14.33
C1 GOL F . -3.18 -1.06 16.22
O1 GOL F . -3.63 -2.23 16.96
C2 GOL F . -4.24 -0.61 15.13
O2 GOL F . -4.38 -1.56 14.10
C3 GOL F . -5.55 -0.40 15.90
O3 GOL F . -5.64 0.97 16.20
H11 GOL F . -2.34 -1.23 15.75
H12 GOL F . -3.02 -0.31 16.79
HO1 GOL F . -2.98 -2.74 16.99
H2 GOL F . -3.94 0.22 14.70
HO2 GOL F . -5.12 -1.40 13.72
H31 GOL F . -5.55 -0.97 16.68
H32 GOL F . -6.29 -0.72 15.36
HO3 GOL F . -5.38 1.06 17.00
C10 A1IAF G . -1.40 -3.37 13.41
C11 A1IAF G . -1.54 -4.91 13.36
C13 A1IAF G . -2.02 -6.75 14.50
C14 A1IAF G . -2.75 -7.52 13.40
C16 A1IAF G . -4.37 -5.87 13.39
C18 A1IAF G . 2.72 -1.24 9.79
C20 A1IAF G . 1.43 0.39 8.28
C21 A1IAF G . 1.59 1.72 7.95
C22 A1IAF G . 0.51 2.43 7.43
C23 A1IAF G . -0.71 1.82 7.29
C25 A1IAF G . -0.87 0.49 7.65
C26 A1IAF G . 0.22 -0.23 8.14
C29 A1IAF G . 6.37 -1.35 9.41
O31 A1IAF G . 8.05 -2.61 10.54
C32 A1IAF G . 5.77 -2.92 11.15
C33 A1IAF G . 4.44 -2.61 11.02
C34 A1IAF G . 4.06 -1.64 10.04
C02 A1IAF G . 1.58 -1.84 10.64
C03 A1IAF G . 0.66 -0.92 11.42
C04 A1IAF G . 0.88 0.45 11.38
C05 A1IAF G . 0.02 1.32 12.08
C06 A1IAF G . -1.02 0.81 12.83
C07 A1IAF G . -1.23 -0.56 12.86
C08 A1IAF G . -0.40 -1.42 12.18
C17 A1IAF G . -3.55 -5.08 14.43
C19 A1IAF G . 2.58 -0.27 8.80
C28 A1IAF G . 5.02 -1.04 9.28
C30 A1IAF G . 6.72 -2.30 10.35
N09 A1IAF G . -0.66 -2.84 12.28
N12 A1IAF G . -2.19 -5.38 14.43
O01 A1IAF G . 1.43 -3.05 10.67
O15 A1IAF G . -4.12 -7.23 13.39
O24 A1IAF G . -1.79 2.54 6.75
S27 A1IAF G . 4.19 0.06 8.21
H102 A1IAF G . -2.39 -2.93 13.41
H101 A1IAF G . -0.88 -3.10 14.31
H111 A1IAF G . -0.56 -5.36 13.31
H112 A1IAF G . -2.10 -5.18 12.47
H131 A1IAF G . -0.95 -6.96 14.42
H132 A1IAF G . -2.38 -7.10 15.46
H142 A1IAF G . -2.33 -7.25 12.43
H141 A1IAF G . -2.61 -8.59 13.56
H161 A1IAF G . -5.43 -5.73 13.62
H162 A1IAF G . -4.15 -5.48 12.41
H211 A1IAF G . 2.55 2.20 8.08
H221 A1IAF G . 0.63 3.47 7.13
H251 A1IAF G . -1.84 0.01 7.56
H261 A1IAF G . 0.12 -1.28 8.39
H291 A1IAF G . 7.12 -0.87 8.79
H311 A1IAF G . 8.29 -3.33 9.96
H321 A1IAF G . 6.08 -3.65 11.88
H331 A1IAF G . 3.69 -3.09 11.63
H041 A1IAF G . 1.71 0.86 10.82
H051 A1IAF G . 0.18 2.39 12.04
H061 A1IAF G . -1.67 1.48 13.38
H071 A1IAF G . -2.07 -0.96 13.43
H172 A1IAF G . -3.96 -5.30 15.42
H171 A1IAF G . -3.68 -4.03 14.23
H091 A1IAF G . -0.33 -3.46 11.56
H241 A1IAF G . -2.17 3.07 7.44
C1 GOL H . -4.76 -1.18 41.57
O1 GOL H . -4.68 -0.10 42.45
C2 GOL H . -6.07 -1.93 41.88
O2 GOL H . -6.72 -1.38 42.97
C3 GOL H . -6.90 -1.82 40.59
O3 GOL H . -8.04 -2.64 40.77
H11 GOL H . -4.02 -1.79 41.66
H12 GOL H . -4.76 -0.90 40.64
HO1 GOL H . -5.29 -0.22 43.03
H2 GOL H . -5.90 -2.85 42.10
HO2 GOL H . -7.42 -1.84 43.12
H31 GOL H . -6.35 -2.09 39.84
H32 GOL H . -7.13 -0.89 40.43
HO3 GOL H . -8.30 -2.87 39.99
C1 GOL I . 16.20 -8.46 31.58
O1 GOL I . 15.94 -7.06 31.82
C2 GOL I . 17.55 -8.92 32.25
O2 GOL I . 18.65 -8.18 31.84
C3 GOL I . 17.33 -8.78 33.76
O3 GOL I . 16.90 -10.02 34.24
H11 GOL I . 16.25 -8.65 30.63
H12 GOL I . 15.49 -9.02 31.91
HO1 GOL I . 15.88 -6.71 31.07
H2 GOL I . 17.72 -9.85 32.00
HO2 GOL I . 19.18 -8.71 31.44
H31 GOL I . 16.68 -8.07 33.91
H32 GOL I . 18.15 -8.46 34.18
HO3 GOL I . 16.43 -9.87 34.93
C10 A1IAF J . 18.73 -7.03 28.58
C11 A1IAF J . 18.95 -5.54 28.27
C13 A1IAF J . 18.68 -4.82 30.44
C14 A1IAF J . 20.09 -4.25 30.68
C16 A1IAF J . 19.84 -2.87 28.88
C18 A1IAF J . 20.43 -10.42 24.10
C20 A1IAF J . 22.03 -12.15 25.14
C21 A1IAF J . 22.10 -13.52 25.11
C22 A1IAF J . 22.81 -14.21 26.09
C23 A1IAF J . 23.44 -13.49 27.06
C25 A1IAF J . 23.38 -12.10 27.10
C26 A1IAF J . 22.67 -11.43 26.09
C29 A1IAF J . 19.59 -10.94 20.55
O31 A1IAF J . 18.19 -9.79 19.00
C32 A1IAF J . 18.39 -8.98 21.27
C33 A1IAF J . 18.92 -9.11 22.53
C34 A1IAF J . 19.82 -10.18 22.83
C02 A1IAF J . 20.12 -9.52 25.29
C03 A1IAF J . 19.55 -10.12 26.58
C04 A1IAF J . 19.32 -11.49 26.67
C05 A1IAF J . 18.84 -12.05 27.85
C06 A1IAF J . 18.55 -11.24 28.95
C07 A1IAF J . 18.74 -9.87 28.84
C08 A1IAF J . 19.25 -9.32 27.66
C17 A1IAF J . 18.43 -3.42 28.66
C19 A1IAF J . 21.28 -11.54 24.10
C28 A1IAF J . 20.14 -11.06 21.82
C30 A1IAF J . 18.74 -9.90 20.27
N09 A1IAF J . 19.43 -7.89 27.60
N12 A1IAF J . 18.29 -4.74 29.07
O01 A1IAF J . 20.30 -8.33 25.20
O15 A1IAF J . 20.23 -2.96 30.20
O24 A1IAF J . 24.19 -14.19 28.04
S27 A1IAF J . 21.24 -12.23 22.49
H102 A1IAF J . 17.67 -7.24 28.55
H101 A1IAF J . 19.11 -7.24 29.57
H111 A1IAF J . 20.01 -5.32 28.35
H112 A1IAF J . 18.63 -5.34 27.25
H131 A1IAF J . 18.66 -5.85 30.75
H132 A1IAF J . 17.97 -4.25 31.03
H142 A1IAF J . 20.28 -4.25 31.75
H141 A1IAF J . 20.81 -4.90 30.20
H161 A1IAF J . 20.54 -3.43 28.27
H162 A1IAF J . 19.86 -1.83 28.59
H211 A1IAF J . 21.59 -14.07 24.33
H221 A1IAF J . 22.86 -15.29 26.08
H251 A1IAF J . 23.87 -11.54 27.89
H261 A1IAF J . 22.63 -10.34 26.08
H291 A1IAF J . 19.83 -11.68 19.79
H311 A1IAF J . 17.69 -8.98 18.94
H321 A1IAF J . 17.70 -8.19 21.05
H331 A1IAF J . 18.66 -8.40 23.30
H041 A1IAF J . 19.53 -12.12 25.83
H051 A1IAF J . 18.68 -13.12 27.91
H061 A1IAF J . 18.19 -11.68 29.87
H071 A1IAF J . 18.49 -9.23 29.68
H172 A1IAF J . 18.20 -3.38 27.59
H171 A1IAF J . 17.72 -2.81 29.19
H091 A1IAF J . 20.02 -7.48 26.89
H241 A1IAF J . 23.59 -14.68 28.59
C ACT K . 19.22 -3.22 34.45
O ACT K . 18.60 -2.49 35.29
OXT ACT K . 18.90 -4.39 34.03
CH3 ACT K . 20.54 -2.69 33.92
H1 ACT K . 20.42 -2.37 33.01
H2 ACT K . 20.85 -1.95 34.48
H3 ACT K . 21.20 -3.39 33.93
C ACT L . -19.18 2.82 -35.97
O ACT L . -18.47 3.87 -36.11
OXT ACT L . -19.85 2.45 -34.96
CH3 ACT L . -19.23 1.89 -37.19
H1 ACT L . -19.96 1.26 -37.09
H2 ACT L . -18.38 1.40 -37.26
H3 ACT L . -19.37 2.41 -37.99
C10 A1IAF M . -12.88 5.17 -38.32
C11 A1IAF M . -13.04 3.64 -38.30
C13 A1IAF M . -13.46 1.84 -37.10
C14 A1IAF M . -14.24 1.04 -38.13
C16 A1IAF M . -15.84 2.71 -38.15
C18 A1IAF M . -8.91 7.06 -42.22
C20 A1IAF M . -10.21 8.60 -43.80
C21 A1IAF M . -11.42 8.00 -43.85
C22 A1IAF M . -12.52 8.73 -44.38
C23 A1IAF M . -12.33 10.00 -44.82
C25 A1IAF M . -11.09 10.60 -44.77
C26 A1IAF M . -10.02 9.89 -44.25
C29 A1IAF M . -5.27 6.87 -42.70
O31 A1IAF M . -3.55 5.70 -41.62
C32 A1IAF M . -5.83 5.43 -40.87
C33 A1IAF M . -7.15 5.74 -40.98
C34 A1IAF M . -7.58 6.64 -42.01
C02 A1IAF M . -10.03 6.51 -41.30
C03 A1IAF M . -10.93 7.49 -40.55
C04 A1IAF M . -10.69 8.86 -40.67
C05 A1IAF M . -11.50 9.76 -39.99
C06 A1IAF M . -12.52 9.31 -39.18
C07 A1IAF M . -12.74 7.95 -39.03
C08 A1IAF M . -11.95 7.03 -39.72
C17 A1IAF M . -14.98 3.51 -37.15
C19 A1IAF M . -9.06 7.95 -43.28
C28 A1IAF M . -6.64 7.18 -42.84
C30 A1IAF M . -4.88 5.98 -41.74
N09 A1IAF M . -12.22 5.62 -39.54
N12 A1IAF M . -13.63 3.21 -37.21
O01 A1IAF M . -10.21 5.32 -41.17
O15 A1IAF M . -15.61 1.37 -38.13
O24 A1IAF M . -13.41 10.73 -45.38
S27 A1IAF M . -7.48 8.22 -43.94
H102 A1IAF M . -12.30 5.47 -37.46
H101 A1IAF M . -13.87 5.62 -38.27
H111 A1IAF M . -13.63 3.34 -39.15
H112 A1IAF M . -12.05 3.19 -38.37
H131 A1IAF M . -12.40 1.62 -37.20
H132 A1IAF M . -13.79 1.54 -36.11
H142 A1IAF M . -13.82 1.25 -39.12
H141 A1IAF M . -14.12 -0.01 -37.92
H161 A1IAF M . -16.89 2.88 -37.92
H162 A1IAF M . -15.63 3.08 -39.15
H211 A1IAF M . -11.55 6.98 -43.49
H221 A1IAF M . -13.51 8.27 -44.44
H251 A1IAF M . -10.96 11.61 -45.14
H261 A1IAF M . -9.03 10.35 -44.19
H291 A1IAF M . -4.54 7.33 -43.35
H311 A1IAF M . -3.42 5.03 -40.95
H321 A1IAF M . -5.49 4.75 -40.10
H331 A1IAF M . -7.88 5.31 -40.31
H041 A1IAF M . -9.86 9.21 -41.29
H051 A1IAF M . -11.33 10.83 -40.11
H061 A1IAF M . -13.16 10.02 -38.65
H071 A1IAF M . -13.54 7.60 -38.38
H172 A1IAF M . -15.34 3.31 -36.15
H171 A1IAF M . -15.11 4.57 -37.36
H091 A1IAF M . -11.93 4.96 -40.24
H241 A1IAF M . -13.68 11.40 -44.75
C1 GOL N . -14.53 7.67 -35.67
O1 GOL N . -14.95 6.56 -34.86
C2 GOL N . -15.63 8.07 -36.73
O2 GOL N . -15.86 7.08 -37.69
C3 GOL N . -16.90 8.37 -35.90
O3 GOL N . -16.99 9.77 -35.78
H11 GOL N . -13.71 7.48 -36.14
H12 GOL N . -14.34 8.46 -35.13
HO1 GOL N . -14.29 6.05 -34.81
H2 GOL N . -15.33 8.85 -37.22
HO2 GOL N . -16.55 7.28 -38.11
H31 GOL N . -16.84 7.92 -35.05
H32 GOL N . -17.66 7.98 -36.35
HO3 GOL N . -16.70 9.96 -35.00
C1 GOL O . -17.41 7.82 -11.23
O1 GOL O . -18.58 7.10 -10.96
C2 GOL O . -16.95 8.49 -9.91
O2 GOL O . -17.15 7.64 -8.82
C3 GOL O . -15.47 8.82 -10.14
O3 GOL O . -14.98 9.36 -8.93
H11 GOL O . -17.55 8.51 -11.91
H12 GOL O . -16.70 7.26 -11.57
HO1 GOL O . -18.90 6.86 -11.72
H2 GOL O . -17.48 9.28 -9.73
H31 GOL O . -15.41 9.44 -10.88
H32 GOL O . -15.00 8.02 -10.42
HO3 GOL O . -14.19 9.63 -9.09
C1 GOL P . 5.16 0.70 -20.55
O1 GOL P . 4.97 2.13 -20.40
C2 GOL P . 6.53 0.25 -19.91
O2 GOL P . 7.61 0.93 -20.46
C3 GOL P . 6.40 0.54 -18.40
O3 GOL P . 5.93 -0.62 -17.79
H11 GOL P . 5.15 0.44 -21.48
H12 GOL P . 4.45 0.19 -20.12
HO1 GOL P . 4.87 2.42 -21.17
H2 GOL P . 6.66 -0.69 -20.08
HO2 GOL P . 8.30 0.75 -19.99
H31 GOL P . 5.82 1.30 -18.28
H32 GOL P . 7.27 0.83 -18.07
C10 A1IAF Q . 7.58 2.01 -23.75
C11 A1IAF Q . 7.90 3.48 -24.08
C13 A1IAF Q . 7.37 5.58 -23.87
C14 A1IAF Q . 8.76 6.18 -23.74
C16 A1IAF Q . 9.07 4.97 -21.79
C18 A1IAF Q . 9.18 -1.61 -28.05
C20 A1IAF Q . 10.78 -3.30 -26.98
C21 A1IAF Q . 11.43 -2.54 -26.06
C22 A1IAF Q . 12.17 -3.17 -25.06
C23 A1IAF Q . 12.25 -4.54 -25.02
C25 A1IAF Q . 11.58 -5.31 -25.95
C26 A1IAF Q . 10.84 -4.69 -26.94
C29 A1IAF Q . 8.23 -2.26 -31.54
O31 A1IAF Q . 6.79 -1.15 -33.08
C32 A1IAF Q . 7.07 -0.25 -30.85
C33 A1IAF Q . 7.64 -0.34 -29.59
C34 A1IAF Q . 8.54 -1.42 -29.31
C02 A1IAF Q . 8.92 -0.65 -26.90
C03 A1IAF Q . 8.38 -1.18 -25.57
C04 A1IAF Q . 8.12 -2.54 -25.43
C05 A1IAF Q . 7.66 -3.04 -24.21
C06 A1IAF Q . 7.43 -2.18 -23.15
C07 A1IAF Q . 7.66 -0.82 -23.29
C08 A1IAF Q . 8.14 -0.33 -24.51
C17 A1IAF Q . 7.70 4.33 -21.99
C19 A1IAF Q . 10.01 -2.75 -28.02
C28 A1IAF Q . 8.80 -2.33 -30.27
C30 A1IAF Q . 7.37 -1.20 -31.82
N09 A1IAF Q . 8.35 1.10 -24.64
N12 A1IAF Q . 7.27 4.31 -23.33
O01 A1IAF Q . 9.13 0.54 -27.04
O15 A1IAF Q . 9.24 6.18 -22.42
O24 A1IAF Q . 13.01 -5.18 -24.02
S27 A1IAF Q . 9.91 -3.49 -29.59
H102 A1IAF Q . 7.86 1.81 -22.72
H101 A1IAF Q . 6.52 1.83 -23.89
H111 A1IAF Q . 7.61 3.67 -25.12
H112 A1IAF Q . 8.96 3.64 -23.96
H131 A1IAF Q . 7.12 5.53 -24.93
H132 A1IAF Q . 6.65 6.23 -23.38
H142 A1IAF Q . 8.74 7.20 -24.09
H141 A1IAF Q . 9.45 5.60 -24.35
H161 A1IAF Q . 9.22 5.12 -20.72
H162 A1IAF Q . 9.83 4.27 -22.16
H211 A1IAF Q . 11.39 -1.45 -26.12
H221 A1IAF Q . 12.68 -2.57 -24.31
H251 A1IAF Q . 11.63 -6.39 -25.90
H261 A1IAF Q . 10.31 -5.28 -27.68
H291 A1IAF Q . 8.45 -3.00 -32.29
H311 A1IAF Q . 6.34 -0.29 -33.19
H321 A1IAF Q . 6.41 0.57 -31.09
H331 A1IAF Q . 7.41 0.38 -28.83
H041 A1IAF Q . 8.28 -3.21 -26.26
H051 A1IAF Q . 7.50 -4.10 -24.09
H061 A1IAF Q . 7.06 -2.57 -22.20
H071 A1IAF Q . 7.45 -0.15 -22.47
H172 A1IAF Q . 7.74 3.30 -21.64
H171 A1IAF Q . 6.97 4.88 -21.41
H091 A1IAF Q . 8.99 1.47 -25.31
H241 A1IAF Q . 13.56 -5.84 -24.41
C ACT R . 8.49 6.08 -18.10
O ACT R . 8.10 4.91 -18.45
OXT ACT R . 7.92 6.89 -17.30
CH3 ACT R . 9.81 6.60 -18.68
H1 ACT R . 10.45 5.87 -18.72
H2 ACT R . 10.15 7.31 -18.11
H3 ACT R . 9.65 6.94 -19.57
#